data_1PDQ
# 
_entry.id   1PDQ 
# 
_audit_conform.dict_name       mmcif_pdbx.dic 
_audit_conform.dict_version    5.376 
_audit_conform.dict_location   http://mmcif.pdb.org/dictionaries/ascii/mmcif_pdbx.dic 
# 
loop_
_database_2.database_id 
_database_2.database_code 
_database_2.pdbx_database_accession 
_database_2.pdbx_DOI 
PDB   1PDQ         pdb_00001pdq 10.2210/pdb1pdq/pdb 
RCSB  RCSB019256   ?            ?                   
WWPDB D_1000019256 ?            ?                   
# 
loop_
_pdbx_database_related.db_name 
_pdbx_database_related.db_id 
_pdbx_database_related.details 
_pdbx_database_related.content_type 
PDB 1kna . unspecified 
PDB 1kne . unspecified 
PDB 1guw . unspecified 
# 
_pdbx_database_status.status_code                     REL 
_pdbx_database_status.entry_id                        1PDQ 
_pdbx_database_status.recvd_initial_deposition_date   2003-05-20 
_pdbx_database_status.deposit_site                    RCSB 
_pdbx_database_status.process_site                    RCSB 
_pdbx_database_status.status_code_sf                  REL 
_pdbx_database_status.SG_entry                        . 
_pdbx_database_status.pdb_format_compatible           Y 
_pdbx_database_status.status_code_mr                  ? 
_pdbx_database_status.status_code_cs                  ? 
_pdbx_database_status.status_code_nmr_data            ? 
_pdbx_database_status.methods_development_category    ? 
# 
loop_
_audit_author.name 
_audit_author.pdbx_ordinal 
'Fischle, W.'        1 
'Wang, Y.'           2 
'Jacobs, S.A.'       3 
'Kim, Y.'            4 
'Allis, C.D.'        5 
'Khorasanizadeh, S.' 6 
# 
_citation.id                        primary 
_citation.title                     
'Molecular basis for the discrimination of repressive methyl-lysine marks in histone H3 by Polycomb and HP1 chromodomains' 
_citation.journal_abbrev            'Genes Dev.' 
_citation.journal_volume            17 
_citation.page_first                1870 
_citation.page_last                 1881 
_citation.year                      2003 
_citation.journal_id_ASTM           GEDEEP 
_citation.country                   US 
_citation.journal_id_ISSN           0890-9369 
_citation.journal_id_CSD            2056 
_citation.book_publisher            ? 
_citation.pdbx_database_id_PubMed   12897054 
_citation.pdbx_database_id_DOI      10.1101/gad.1110503 
# 
loop_
_citation_author.citation_id 
_citation_author.name 
_citation_author.ordinal 
_citation_author.identifier_ORCID 
primary 'Fischle, W.'        1 ? 
primary 'Wang, Y.'           2 ? 
primary 'Jacobs, S.A.'       3 ? 
primary 'Kim, Y.'            4 ? 
primary 'Allis, C.D.'        5 ? 
primary 'Khorasanizadeh, S.' 6 ? 
# 
_cell.entry_id           1PDQ 
_cell.length_a           32.120 
_cell.length_b           75.810 
_cell.length_c           80.460 
_cell.angle_alpha        90.00 
_cell.angle_beta         90.00 
_cell.angle_gamma        90.00 
_cell.Z_PDB              8 
_cell.pdbx_unique_axis   ? 
# 
_symmetry.entry_id                         1PDQ 
_symmetry.space_group_name_H-M             'I 21 21 21' 
_symmetry.pdbx_full_space_group_name_H-M   ? 
_symmetry.cell_setting                     ? 
_symmetry.Int_Tables_number                24 
# 
loop_
_entity.id 
_entity.type 
_entity.src_method 
_entity.pdbx_description 
_entity.formula_weight 
_entity.pdbx_number_of_molecules 
_entity.pdbx_ec 
_entity.pdbx_mutation 
_entity.pdbx_fragment 
_entity.details 
1 polymer man 'Polycomb protein' 8853.055 1   ? ?          'residues 15-77' ? 
2 polymer syn 'Histone H3.3'     1929.290 1   ? 'K27(M3L)' 'residues 15-32' ? 
3 water   nat water              18.015   194 ? ?          ?                ? 
# 
_entity_name_com.entity_id   2 
_entity_name_com.name        'H3.A, H3.B, H3.3Q' 
# 
loop_
_entity_poly.entity_id 
_entity_poly.type 
_entity_poly.nstd_linkage 
_entity_poly.nstd_monomer 
_entity_poly.pdbx_seq_one_letter_code 
_entity_poly.pdbx_seq_one_letter_code_can 
_entity_poly.pdbx_strand_id 
_entity_poly.pdbx_target_identifier 
1 'polypeptide(L)' no no  MKKHHHHHHDNATDDPVDLVYAAEKIIQKRVKKGVVEYRVKWKGWNQRYNTWEPEVNILDRRLIDIYEQTNK 
MKKHHHHHHDNATDDPVDLVYAAEKIIQKRVKKGVVEYRVKWKGWNQRYNTWEPEVNILDRRLIDIYEQTNK A ? 
2 'polypeptide(L)' no yes 'APRKQLATKAAR(M3L)SAPST'                                                 APRKQLATKAARKSAPST B ? 
# 
loop_
_entity_poly_seq.entity_id 
_entity_poly_seq.num 
_entity_poly_seq.mon_id 
_entity_poly_seq.hetero 
1 1  MET n 
1 2  LYS n 
1 3  LYS n 
1 4  HIS n 
1 5  HIS n 
1 6  HIS n 
1 7  HIS n 
1 8  HIS n 
1 9  HIS n 
1 10 ASP n 
1 11 ASN n 
1 12 ALA n 
1 13 THR n 
1 14 ASP n 
1 15 ASP n 
1 16 PRO n 
1 17 VAL n 
1 18 ASP n 
1 19 LEU n 
1 20 VAL n 
1 21 TYR n 
1 22 ALA n 
1 23 ALA n 
1 24 GLU n 
1 25 LYS n 
1 26 ILE n 
1 27 ILE n 
1 28 GLN n 
1 29 LYS n 
1 30 ARG n 
1 31 VAL n 
1 32 LYS n 
1 33 LYS n 
1 34 GLY n 
1 35 VAL n 
1 36 VAL n 
1 37 GLU n 
1 38 TYR n 
1 39 ARG n 
1 40 VAL n 
1 41 LYS n 
1 42 TRP n 
1 43 LYS n 
1 44 GLY n 
1 45 TRP n 
1 46 ASN n 
1 47 GLN n 
1 48 ARG n 
1 49 TYR n 
1 50 ASN n 
1 51 THR n 
1 52 TRP n 
1 53 GLU n 
1 54 PRO n 
1 55 GLU n 
1 56 VAL n 
1 57 ASN n 
1 58 ILE n 
1 59 LEU n 
1 60 ASP n 
1 61 ARG n 
1 62 ARG n 
1 63 LEU n 
1 64 ILE n 
1 65 ASP n 
1 66 ILE n 
1 67 TYR n 
1 68 GLU n 
1 69 GLN n 
1 70 THR n 
1 71 ASN n 
1 72 LYS n 
2 1  ALA n 
2 2  PRO n 
2 3  ARG n 
2 4  LYS n 
2 5  GLN n 
2 6  LEU n 
2 7  ALA n 
2 8  THR n 
2 9  LYS n 
2 10 ALA n 
2 11 ALA n 
2 12 ARG n 
2 13 M3L n 
2 14 SER n 
2 15 ALA n 
2 16 PRO n 
2 17 SER n 
2 18 THR n 
# 
_entity_src_gen.entity_id                          1 
_entity_src_gen.pdbx_src_id                        1 
_entity_src_gen.pdbx_alt_source_flag               sample 
_entity_src_gen.pdbx_seq_type                      ? 
_entity_src_gen.pdbx_beg_seq_num                   ? 
_entity_src_gen.pdbx_end_seq_num                   ? 
_entity_src_gen.gene_src_common_name               'fruit fly' 
_entity_src_gen.gene_src_genus                     Drosophila 
_entity_src_gen.pdbx_gene_src_gene                 'PC OR CG7618' 
_entity_src_gen.gene_src_species                   ? 
_entity_src_gen.gene_src_strain                    ? 
_entity_src_gen.gene_src_tissue                    ? 
_entity_src_gen.gene_src_tissue_fraction           ? 
_entity_src_gen.gene_src_details                   ? 
_entity_src_gen.pdbx_gene_src_fragment             ? 
_entity_src_gen.pdbx_gene_src_scientific_name      'Drosophila melanogaster' 
_entity_src_gen.pdbx_gene_src_ncbi_taxonomy_id     7227 
_entity_src_gen.pdbx_gene_src_variant              ? 
_entity_src_gen.pdbx_gene_src_cell_line            ? 
_entity_src_gen.pdbx_gene_src_atcc                 ? 
_entity_src_gen.pdbx_gene_src_organ                ? 
_entity_src_gen.pdbx_gene_src_organelle            ? 
_entity_src_gen.pdbx_gene_src_cell                 ? 
_entity_src_gen.pdbx_gene_src_cellular_location    ? 
_entity_src_gen.host_org_common_name               ? 
_entity_src_gen.pdbx_host_org_scientific_name      'Escherichia coli' 
_entity_src_gen.pdbx_host_org_ncbi_taxonomy_id     562 
_entity_src_gen.host_org_genus                     Escherichia 
_entity_src_gen.pdbx_host_org_gene                 ? 
_entity_src_gen.pdbx_host_org_organ                ? 
_entity_src_gen.host_org_species                   ? 
_entity_src_gen.pdbx_host_org_tissue               ? 
_entity_src_gen.pdbx_host_org_tissue_fraction      ? 
_entity_src_gen.pdbx_host_org_strain               'BL21(DE3)pLysS' 
_entity_src_gen.pdbx_host_org_variant              ? 
_entity_src_gen.pdbx_host_org_cell_line            ? 
_entity_src_gen.pdbx_host_org_atcc                 ? 
_entity_src_gen.pdbx_host_org_culture_collection   ? 
_entity_src_gen.pdbx_host_org_cell                 ? 
_entity_src_gen.pdbx_host_org_organelle            ? 
_entity_src_gen.pdbx_host_org_cellular_location    ? 
_entity_src_gen.pdbx_host_org_vector_type          pET 
_entity_src_gen.pdbx_host_org_vector               ? 
_entity_src_gen.host_org_details                   ? 
_entity_src_gen.expression_system_id               ? 
_entity_src_gen.plasmid_name                       pET11a 
_entity_src_gen.plasmid_details                    ? 
_entity_src_gen.pdbx_description                   ? 
# 
_pdbx_entity_src_syn.entity_id              2 
_pdbx_entity_src_syn.pdbx_src_id            1 
_pdbx_entity_src_syn.pdbx_alt_source_flag   sample 
_pdbx_entity_src_syn.pdbx_beg_seq_num       ? 
_pdbx_entity_src_syn.pdbx_end_seq_num       ? 
_pdbx_entity_src_syn.organism_scientific    ? 
_pdbx_entity_src_syn.organism_common_name   ? 
_pdbx_entity_src_syn.ncbi_taxonomy_id       ? 
_pdbx_entity_src_syn.details                'Synthetic peptide' 
# 
loop_
_struct_ref.id 
_struct_ref.db_name 
_struct_ref.db_code 
_struct_ref.pdbx_db_accession 
_struct_ref.entity_id 
_struct_ref.pdbx_seq_one_letter_code 
_struct_ref.pdbx_align_begin 
_struct_ref.pdbx_db_isoform 
1 UNP PC_DROME  P26017 1 DNATDDPVDLVYAAEKIIQKRVKKGVVEYRVKWKGWNQRYNTWEPEVNILDRRLIDIYEQTNK 15 ? 
2 UNP H33_HUMAN P06351 2 APRKQLATKAARKSAPST                                              15 ? 
# 
loop_
_struct_ref_seq.align_id 
_struct_ref_seq.ref_id 
_struct_ref_seq.pdbx_PDB_id_code 
_struct_ref_seq.pdbx_strand_id 
_struct_ref_seq.seq_align_beg 
_struct_ref_seq.pdbx_seq_align_beg_ins_code 
_struct_ref_seq.seq_align_end 
_struct_ref_seq.pdbx_seq_align_end_ins_code 
_struct_ref_seq.pdbx_db_accession 
_struct_ref_seq.db_align_beg 
_struct_ref_seq.pdbx_db_align_beg_ins_code 
_struct_ref_seq.db_align_end 
_struct_ref_seq.pdbx_db_align_end_ins_code 
_struct_ref_seq.pdbx_auth_seq_align_beg 
_struct_ref_seq.pdbx_auth_seq_align_end 
1 1 1PDQ A 10 ? 72 ? P26017 15 ? 77 ? 15 77 
2 2 1PDQ B 1  ? 18 ? P06351 15 ? 32 ? 15 32 
# 
_struct_ref_seq_dif.align_id                     2 
_struct_ref_seq_dif.pdbx_pdb_id_code             1PDQ 
_struct_ref_seq_dif.mon_id                       M3L 
_struct_ref_seq_dif.pdbx_pdb_strand_id           B 
_struct_ref_seq_dif.seq_num                      13 
_struct_ref_seq_dif.pdbx_pdb_ins_code            ? 
_struct_ref_seq_dif.pdbx_seq_db_name             UNP 
_struct_ref_seq_dif.pdbx_seq_db_accession_code   P06351 
_struct_ref_seq_dif.db_mon_id                    LYS 
_struct_ref_seq_dif.pdbx_seq_db_seq_num          27 
_struct_ref_seq_dif.details                      'engineered mutation' 
_struct_ref_seq_dif.pdbx_auth_seq_num            27 
_struct_ref_seq_dif.pdbx_ordinal                 1 
# 
loop_
_chem_comp.id 
_chem_comp.type 
_chem_comp.mon_nstd_flag 
_chem_comp.name 
_chem_comp.pdbx_synonyms 
_chem_comp.formula 
_chem_comp.formula_weight 
ALA 'L-peptide linking' y ALANINE           ? 'C3 H7 N O2'     89.093  
ARG 'L-peptide linking' y ARGININE          ? 'C6 H15 N4 O2 1' 175.209 
ASN 'L-peptide linking' y ASPARAGINE        ? 'C4 H8 N2 O3'    132.118 
ASP 'L-peptide linking' y 'ASPARTIC ACID'   ? 'C4 H7 N O4'     133.103 
GLN 'L-peptide linking' y GLUTAMINE         ? 'C5 H10 N2 O3'   146.144 
GLU 'L-peptide linking' y 'GLUTAMIC ACID'   ? 'C5 H9 N O4'     147.129 
GLY 'peptide linking'   y GLYCINE           ? 'C2 H5 N O2'     75.067  
HIS 'L-peptide linking' y HISTIDINE         ? 'C6 H10 N3 O2 1' 156.162 
HOH non-polymer         . WATER             ? 'H2 O'           18.015  
ILE 'L-peptide linking' y ISOLEUCINE        ? 'C6 H13 N O2'    131.173 
LEU 'L-peptide linking' y LEUCINE           ? 'C6 H13 N O2'    131.173 
LYS 'L-peptide linking' y LYSINE            ? 'C6 H15 N2 O2 1' 147.195 
M3L 'L-peptide linking' n N-TRIMETHYLLYSINE ? 'C9 H21 N2 O2 1' 189.275 
MET 'L-peptide linking' y METHIONINE        ? 'C5 H11 N O2 S'  149.211 
PRO 'L-peptide linking' y PROLINE           ? 'C5 H9 N O2'     115.130 
SER 'L-peptide linking' y SERINE            ? 'C3 H7 N O3'     105.093 
THR 'L-peptide linking' y THREONINE         ? 'C4 H9 N O3'     119.119 
TRP 'L-peptide linking' y TRYPTOPHAN        ? 'C11 H12 N2 O2'  204.225 
TYR 'L-peptide linking' y TYROSINE          ? 'C9 H11 N O3'    181.189 
VAL 'L-peptide linking' y VALINE            ? 'C5 H11 N O2'    117.146 
# 
_exptl.entry_id          1PDQ 
_exptl.method            'X-RAY DIFFRACTION' 
_exptl.crystals_number   1 
# 
_exptl_crystal.id                    1 
_exptl_crystal.density_meas          ? 
_exptl_crystal.density_Matthews      2.27 
_exptl_crystal.density_percent_sol   45.83 
_exptl_crystal.description           ? 
# 
_exptl_crystal_grow.crystal_id      1 
_exptl_crystal_grow.method          'VAPOR DIFFUSION, HANGING DROP' 
_exptl_crystal_grow.temp            277 
_exptl_crystal_grow.temp_details    ? 
_exptl_crystal_grow.pH              8.5 
_exptl_crystal_grow.pdbx_details    
'0.1 M Tris-HCl, 0.2 M Lithium sulfate, 30 % PEG 4000, pH 8.5, VAPOR DIFFUSION, HANGING DROP, temperature 277K' 
_exptl_crystal_grow.pdbx_pH_range   . 
# 
_diffrn.id                     1 
_diffrn.ambient_temp           100 
_diffrn.ambient_temp_details   ? 
_diffrn.crystal_id             1 
# 
_diffrn_detector.diffrn_id              1 
_diffrn_detector.detector               CCD 
_diffrn_detector.type                   'ADSC QUANTUM 4' 
_diffrn_detector.pdbx_collection_date   2003-04-20 
_diffrn_detector.details                ? 
# 
_diffrn_radiation.diffrn_id                        1 
_diffrn_radiation.wavelength_id                    1 
_diffrn_radiation.pdbx_monochromatic_or_laue_m_l   M 
_diffrn_radiation.monochromator                    'double crystal SI 111' 
_diffrn_radiation.pdbx_diffrn_protocol             'SINGLE WAVELENGTH' 
_diffrn_radiation.pdbx_scattering_type             x-ray 
# 
_diffrn_radiation_wavelength.id           1 
_diffrn_radiation_wavelength.wavelength   0.97934 
_diffrn_radiation_wavelength.wt           1.0 
# 
_diffrn_source.diffrn_id                   1 
_diffrn_source.source                      SYNCHROTRON 
_diffrn_source.type                        'APS BEAMLINE 19-ID' 
_diffrn_source.pdbx_synchrotron_site       APS 
_diffrn_source.pdbx_synchrotron_beamline   19-ID 
_diffrn_source.pdbx_wavelength             ? 
_diffrn_source.pdbx_wavelength_list        0.97934 
# 
_reflns.entry_id                     1PDQ 
_reflns.observed_criterion_sigma_I   2.95 
_reflns.observed_criterion_sigma_F   2.95 
_reflns.d_resolution_low             50.00 
_reflns.d_resolution_high            1.76 
_reflns.number_obs                   9494 
_reflns.number_all                   9494 
_reflns.percent_possible_obs         93.7 
_reflns.pdbx_Rmerge_I_obs            0.03 
_reflns.pdbx_Rsym_value              0.033 
_reflns.pdbx_netI_over_sigmaI        32.6 
_reflns.B_iso_Wilson_estimate        18.7 
_reflns.pdbx_redundancy              4.1 
_reflns.R_free_details               ? 
_reflns.limit_h_max                  ? 
_reflns.limit_h_min                  ? 
_reflns.limit_k_max                  ? 
_reflns.limit_k_min                  ? 
_reflns.limit_l_max                  ? 
_reflns.limit_l_min                  ? 
_reflns.observed_criterion_F_max     ? 
_reflns.observed_criterion_F_min     ? 
_reflns.pdbx_diffrn_id               1 
_reflns.pdbx_ordinal                 1 
# 
_reflns_shell.d_res_high             1.76 
_reflns_shell.d_res_low              1.82 
_reflns_shell.percent_possible_all   74.2 
_reflns_shell.Rmerge_I_obs           0.176 
_reflns_shell.pdbx_Rsym_value        0.212 
_reflns_shell.meanI_over_sigI_obs    2.95 
_reflns_shell.pdbx_redundancy        2.95 
_reflns_shell.percent_possible_obs   ? 
_reflns_shell.number_unique_all      1190 
_reflns_shell.pdbx_diffrn_id         ? 
_reflns_shell.pdbx_ordinal           1 
# 
_refine.entry_id                                 1PDQ 
_refine.ls_number_reflns_obs                     9494 
_refine.ls_number_reflns_all                     9494 
_refine.pdbx_ls_sigma_I                          ? 
_refine.pdbx_ls_sigma_F                          0 
_refine.pdbx_data_cutoff_high_absF               ? 
_refine.pdbx_data_cutoff_low_absF                ? 
_refine.pdbx_data_cutoff_high_rms_absF           ? 
_refine.ls_d_res_low                             27.59 
_refine.ls_d_res_high                            1.76 
_refine.ls_percent_reflns_obs                    93.6 
_refine.ls_R_factor_obs                          0.223 
_refine.ls_R_factor_all                          0.223 
_refine.ls_R_factor_R_work                       0.223 
_refine.ls_R_factor_R_free                       0.253 
_refine.ls_R_factor_R_free_error                 0.008 
_refine.ls_R_factor_R_free_error_details         ? 
_refine.ls_percent_reflns_R_free                 10.4 
_refine.ls_number_reflns_R_free                  985 
_refine.ls_number_parameters                     ? 
_refine.ls_number_restraints                     ? 
_refine.occupancy_min                            ? 
_refine.occupancy_max                            ? 
_refine.correlation_coeff_Fo_to_Fc               ? 
_refine.correlation_coeff_Fo_to_Fc_free          ? 
_refine.B_iso_mean                               31.1 
_refine.aniso_B[1][1]                            -2.70 
_refine.aniso_B[2][2]                            -0.59 
_refine.aniso_B[3][3]                            3.29 
_refine.aniso_B[1][2]                            0.00 
_refine.aniso_B[1][3]                            0.00 
_refine.aniso_B[2][3]                            0.00 
_refine.solvent_model_details                    'FLAT MODEL' 
_refine.solvent_model_param_ksol                 0.405418 
_refine.solvent_model_param_bsol                 82.0875 
_refine.pdbx_solvent_vdw_probe_radii             ? 
_refine.pdbx_solvent_ion_probe_radii             ? 
_refine.pdbx_solvent_shrinkage_radii             ? 
_refine.pdbx_ls_cross_valid_method               THROUGHOUT 
_refine.details                                  ? 
_refine.pdbx_starting_model                      'PDB 1KNA' 
_refine.pdbx_method_to_determine_struct          'MOLECULAR REPLACEMENT' 
_refine.pdbx_isotropic_thermal_model             RESTRAINED 
_refine.pdbx_stereochemistry_target_values       'Engh & Huber' 
_refine.pdbx_stereochem_target_val_spec_case     ? 
_refine.pdbx_R_Free_selection_details            RANDOM 
_refine.pdbx_overall_ESU_R                       ? 
_refine.pdbx_overall_ESU_R_Free                  ? 
_refine.overall_SU_ML                            ? 
_refine.overall_SU_B                             ? 
_refine.ls_redundancy_reflns_obs                 ? 
_refine.B_iso_min                                ? 
_refine.B_iso_max                                ? 
_refine.overall_SU_R_Cruickshank_DPI             ? 
_refine.overall_SU_R_free                        ? 
_refine.pdbx_refine_id                           'X-RAY DIFFRACTION' 
_refine.pdbx_diffrn_id                           1 
_refine.pdbx_TLS_residual_ADP_flag               ? 
_refine.pdbx_overall_phase_error                 ? 
_refine.pdbx_overall_SU_R_free_Cruickshank_DPI   ? 
_refine.pdbx_overall_SU_R_Blow_DPI               ? 
_refine.pdbx_overall_SU_R_free_Blow_DPI          ? 
# 
_refine_analyze.entry_id                        1PDQ 
_refine_analyze.Luzzati_coordinate_error_obs    0.22 
_refine_analyze.Luzzati_sigma_a_obs             0.18 
_refine_analyze.Luzzati_d_res_low_obs           5.00 
_refine_analyze.Luzzati_coordinate_error_free   0.27 
_refine_analyze.Luzzati_sigma_a_free            0.25 
_refine_analyze.Luzzati_d_res_low_free          ? 
_refine_analyze.number_disordered_residues      ? 
_refine_analyze.occupancy_sum_hydrogen          ? 
_refine_analyze.occupancy_sum_non_hydrogen      ? 
_refine_analyze.pdbx_Luzzati_d_res_high_obs     ? 
_refine_analyze.pdbx_refine_id                  'X-RAY DIFFRACTION' 
# 
_refine_hist.pdbx_refine_id                   'X-RAY DIFFRACTION' 
_refine_hist.cycle_id                         LAST 
_refine_hist.pdbx_number_atoms_protein        516 
_refine_hist.pdbx_number_atoms_nucleic_acid   0 
_refine_hist.pdbx_number_atoms_ligand         0 
_refine_hist.number_atoms_solvent             194 
_refine_hist.number_atoms_total               710 
_refine_hist.d_res_high                       1.76 
_refine_hist.d_res_low                        27.59 
# 
loop_
_refine_ls_restr.type 
_refine_ls_restr.dev_ideal 
_refine_ls_restr.dev_ideal_target 
_refine_ls_restr.weight 
_refine_ls_restr.number 
_refine_ls_restr.pdbx_refine_id 
_refine_ls_restr.pdbx_restraint_function 
c_bond_d           0.006 ?    ? ? 'X-RAY DIFFRACTION' ? 
c_angle_deg        1.2   ?    ? ? 'X-RAY DIFFRACTION' ? 
c_dihedral_angle_d 25.6  ?    ? ? 'X-RAY DIFFRACTION' ? 
c_improper_angle_d 0.57  ?    ? ? 'X-RAY DIFFRACTION' ? 
c_mcbond_it        1.48  1.50 ? ? 'X-RAY DIFFRACTION' ? 
c_mcangle_it       2.33  2.00 ? ? 'X-RAY DIFFRACTION' ? 
c_scbond_it        2.23  2.00 ? ? 'X-RAY DIFFRACTION' ? 
c_scangle_it       3.48  2.50 ? ? 'X-RAY DIFFRACTION' ? 
# 
_refine_ls_shell.pdbx_total_number_of_bins_used   6 
_refine_ls_shell.d_res_high                       1.76 
_refine_ls_shell.d_res_low                        1.87 
_refine_ls_shell.number_reflns_R_work             1190 
_refine_ls_shell.R_factor_R_work                  0.274 
_refine_ls_shell.percent_reflns_obs               79.6 
_refine_ls_shell.R_factor_R_free                  0.341 
_refine_ls_shell.R_factor_R_free_error            0.030 
_refine_ls_shell.percent_reflns_R_free            10.1 
_refine_ls_shell.number_reflns_R_free             134 
_refine_ls_shell.number_reflns_obs                ? 
_refine_ls_shell.redundancy_reflns_obs            ? 
_refine_ls_shell.number_reflns_all                ? 
_refine_ls_shell.pdbx_refine_id                   'X-RAY DIFFRACTION' 
_refine_ls_shell.R_factor_all                     ? 
# 
loop_
_pdbx_xplor_file.serial_no 
_pdbx_xplor_file.param_file 
_pdbx_xplor_file.topol_file 
_pdbx_xplor_file.pdbx_refine_id 
1 PROTEIN_REP.PARAM PROTEIN.TOP 'X-RAY DIFFRACTION' 
2 TEST2.PARAM       ?           'X-RAY DIFFRACTION' 
3 WATER_REP.PARAM   ?           'X-RAY DIFFRACTION' 
# 
_struct.entry_id                  1PDQ 
_struct.title                     'Polycomb chromodomain complexed with the histone H3 tail containing trimethyllysine 27.' 
_struct.pdbx_model_details        ? 
_struct.pdbx_CASP_flag            ? 
_struct.pdbx_model_type_details   ? 
# 
_struct_keywords.entry_id        1PDQ 
_struct_keywords.pdbx_keywords   'STRUCTURAL PROTEIN' 
_struct_keywords.text            
'methyllysine, chromodomain, histone H3, polycomb, lysine methylation, trimethyllysine, cation-pi, chromo, STRUCTURAL PROTEIN' 
# 
loop_
_struct_asym.id 
_struct_asym.pdbx_blank_PDB_chainid_flag 
_struct_asym.pdbx_modified 
_struct_asym.entity_id 
_struct_asym.details 
A N N 1 ? 
B N N 2 ? 
C N N 3 ? 
D N N 3 ? 
# 
_struct_biol.id                    1 
_struct_biol.pdbx_parent_biol_id   ? 
_struct_biol.details               ? 
# 
loop_
_struct_conf.conf_type_id 
_struct_conf.id 
_struct_conf.pdbx_PDB_helix_id 
_struct_conf.beg_label_comp_id 
_struct_conf.beg_label_asym_id 
_struct_conf.beg_label_seq_id 
_struct_conf.pdbx_beg_PDB_ins_code 
_struct_conf.end_label_comp_id 
_struct_conf.end_label_asym_id 
_struct_conf.end_label_seq_id 
_struct_conf.pdbx_end_PDB_ins_code 
_struct_conf.beg_auth_comp_id 
_struct_conf.beg_auth_asym_id 
_struct_conf.beg_auth_seq_id 
_struct_conf.end_auth_comp_id 
_struct_conf.end_auth_asym_id 
_struct_conf.end_auth_seq_id 
_struct_conf.pdbx_PDB_helix_class 
_struct_conf.details 
_struct_conf.pdbx_PDB_helix_length 
HELX_P HELX_P1 1 ASN A 46 ? ASN A 50 ? ASN A 51 ASN A 55 5 ? 5 
HELX_P HELX_P2 2 VAL A 56 ? ILE A 58 ? VAL A 61 ILE A 63 5 ? 3 
HELX_P HELX_P3 3 ARG A 61 ? GLU A 68 ? ARG A 66 GLU A 73 1 ? 8 
# 
_struct_conf_type.id          HELX_P 
_struct_conf_type.criteria    ? 
_struct_conf_type.reference   ? 
# 
loop_
_struct_conn.id 
_struct_conn.conn_type_id 
_struct_conn.pdbx_leaving_atom_flag 
_struct_conn.pdbx_PDB_id 
_struct_conn.ptnr1_label_asym_id 
_struct_conn.ptnr1_label_comp_id 
_struct_conn.ptnr1_label_seq_id 
_struct_conn.ptnr1_label_atom_id 
_struct_conn.pdbx_ptnr1_label_alt_id 
_struct_conn.pdbx_ptnr1_PDB_ins_code 
_struct_conn.pdbx_ptnr1_standard_comp_id 
_struct_conn.ptnr1_symmetry 
_struct_conn.ptnr2_label_asym_id 
_struct_conn.ptnr2_label_comp_id 
_struct_conn.ptnr2_label_seq_id 
_struct_conn.ptnr2_label_atom_id 
_struct_conn.pdbx_ptnr2_label_alt_id 
_struct_conn.pdbx_ptnr2_PDB_ins_code 
_struct_conn.ptnr1_auth_asym_id 
_struct_conn.ptnr1_auth_comp_id 
_struct_conn.ptnr1_auth_seq_id 
_struct_conn.ptnr2_auth_asym_id 
_struct_conn.ptnr2_auth_comp_id 
_struct_conn.ptnr2_auth_seq_id 
_struct_conn.ptnr2_symmetry 
_struct_conn.pdbx_ptnr3_label_atom_id 
_struct_conn.pdbx_ptnr3_label_seq_id 
_struct_conn.pdbx_ptnr3_label_comp_id 
_struct_conn.pdbx_ptnr3_label_asym_id 
_struct_conn.pdbx_ptnr3_label_alt_id 
_struct_conn.pdbx_ptnr3_PDB_ins_code 
_struct_conn.details 
_struct_conn.pdbx_dist_value 
_struct_conn.pdbx_value_order 
_struct_conn.pdbx_role 
covale1 covale both ? B ARG 12 C ? ? ? 1_555 B M3L 13 N ? ? B ARG 26 B M3L 27 1_555 ? ? ? ? ? ? ? 1.331 ? ? 
covale2 covale both ? B M3L 13 C ? ? ? 1_555 B SER 14 N ? ? B M3L 27 B SER 28 1_555 ? ? ? ? ? ? ? 1.330 ? ? 
# 
_struct_conn_type.id          covale 
_struct_conn_type.criteria    ? 
_struct_conn_type.reference   ? 
# 
_struct_sheet.id               A 
_struct_sheet.type             ? 
_struct_sheet.number_strands   4 
_struct_sheet.details          ? 
# 
loop_
_struct_sheet_order.sheet_id 
_struct_sheet_order.range_id_1 
_struct_sheet_order.range_id_2 
_struct_sheet_order.offset 
_struct_sheet_order.sense 
A 1 2 ? anti-parallel 
A 2 3 ? anti-parallel 
A 3 4 ? anti-parallel 
# 
loop_
_struct_sheet_range.sheet_id 
_struct_sheet_range.id 
_struct_sheet_range.beg_label_comp_id 
_struct_sheet_range.beg_label_asym_id 
_struct_sheet_range.beg_label_seq_id 
_struct_sheet_range.pdbx_beg_PDB_ins_code 
_struct_sheet_range.end_label_comp_id 
_struct_sheet_range.end_label_asym_id 
_struct_sheet_range.end_label_seq_id 
_struct_sheet_range.pdbx_end_PDB_ins_code 
_struct_sheet_range.beg_auth_comp_id 
_struct_sheet_range.beg_auth_asym_id 
_struct_sheet_range.beg_auth_seq_id 
_struct_sheet_range.end_auth_comp_id 
_struct_sheet_range.end_auth_asym_id 
_struct_sheet_range.end_auth_seq_id 
A 1 THR A 51 ? PRO A 54 ? THR A 56 PRO A 59 
A 2 VAL A 35 ? TRP A 42 ? VAL A 40 TRP A 47 
A 3 LEU A 19 ? LYS A 32 ? LEU A 24 LYS A 37 
A 4 LYS B 9  ? M3L B 13 ? LYS B 23 M3L B 27 
# 
loop_
_pdbx_struct_sheet_hbond.sheet_id 
_pdbx_struct_sheet_hbond.range_id_1 
_pdbx_struct_sheet_hbond.range_id_2 
_pdbx_struct_sheet_hbond.range_1_label_atom_id 
_pdbx_struct_sheet_hbond.range_1_label_comp_id 
_pdbx_struct_sheet_hbond.range_1_label_asym_id 
_pdbx_struct_sheet_hbond.range_1_label_seq_id 
_pdbx_struct_sheet_hbond.range_1_PDB_ins_code 
_pdbx_struct_sheet_hbond.range_1_auth_atom_id 
_pdbx_struct_sheet_hbond.range_1_auth_comp_id 
_pdbx_struct_sheet_hbond.range_1_auth_asym_id 
_pdbx_struct_sheet_hbond.range_1_auth_seq_id 
_pdbx_struct_sheet_hbond.range_2_label_atom_id 
_pdbx_struct_sheet_hbond.range_2_label_comp_id 
_pdbx_struct_sheet_hbond.range_2_label_asym_id 
_pdbx_struct_sheet_hbond.range_2_label_seq_id 
_pdbx_struct_sheet_hbond.range_2_PDB_ins_code 
_pdbx_struct_sheet_hbond.range_2_auth_atom_id 
_pdbx_struct_sheet_hbond.range_2_auth_comp_id 
_pdbx_struct_sheet_hbond.range_2_auth_asym_id 
_pdbx_struct_sheet_hbond.range_2_auth_seq_id 
A 1 2 O THR A 51 ? O THR A 56 N VAL A 40 ? N VAL A 45 
A 2 3 O LYS A 41 ? O LYS A 46 N LYS A 25 ? N LYS A 30 
A 3 4 N ALA A 23 ? N ALA A 28 O LYS B 9  ? O LYS B 23 
# 
_atom_sites.entry_id                    1PDQ 
_atom_sites.fract_transf_matrix[1][1]   0.02060949 
_atom_sites.fract_transf_matrix[1][2]   0.02142905 
_atom_sites.fract_transf_matrix[1][3]   -0.00923627 
_atom_sites.fract_transf_matrix[2][1]   -0.00651930 
_atom_sites.fract_transf_matrix[2][2]   0.00921297 
_atom_sites.fract_transf_matrix[2][3]   0.00682806 
_atom_sites.fract_transf_matrix[3][1]   0.00700364 
_atom_sites.fract_transf_matrix[3][2]   -0.00243658 
_atom_sites.fract_transf_matrix[3][3]   0.00997458 
_atom_sites.fract_transf_vector[1]      0.009403 
_atom_sites.fract_transf_vector[2]      0.397412 
_atom_sites.fract_transf_vector[3]      0.343852 
# 
loop_
_atom_type.symbol 
C 
N 
O 
# 
loop_
_atom_site.group_PDB 
_atom_site.id 
_atom_site.type_symbol 
_atom_site.label_atom_id 
_atom_site.label_alt_id 
_atom_site.label_comp_id 
_atom_site.label_asym_id 
_atom_site.label_entity_id 
_atom_site.label_seq_id 
_atom_site.pdbx_PDB_ins_code 
_atom_site.Cartn_x 
_atom_site.Cartn_y 
_atom_site.Cartn_z 
_atom_site.occupancy 
_atom_site.B_iso_or_equiv 
_atom_site.pdbx_formal_charge 
_atom_site.auth_seq_id 
_atom_site.auth_comp_id 
_atom_site.auth_asym_id 
_atom_site.auth_atom_id 
_atom_site.pdbx_PDB_model_num 
ATOM   1   N N   . ASP A 1 18 ? 0.245   5.984   10.363  1.00 44.82 ? 23  ASP A N   1 
ATOM   2   C CA  . ASP A 1 18 ? -0.078  7.362   10.825  1.00 44.72 ? 23  ASP A CA  1 
ATOM   3   C C   . ASP A 1 18 ? 0.210   8.401   9.748   1.00 41.88 ? 23  ASP A C   1 
ATOM   4   O O   . ASP A 1 18 ? -0.690  9.127   9.327   1.00 43.61 ? 23  ASP A O   1 
ATOM   5   C CB  . ASP A 1 18 ? 0.718   7.693   12.091  1.00 47.83 ? 23  ASP A CB  1 
ATOM   6   C CG  . ASP A 1 18 ? 2.202   7.435   11.930  1.00 51.24 ? 23  ASP A CG  1 
ATOM   7   O OD1 . ASP A 1 18 ? 2.579   6.264   11.713  1.00 53.64 ? 23  ASP A OD1 1 
ATOM   8   O OD2 . ASP A 1 18 ? 2.994   8.398   12.019  1.00 54.02 ? 23  ASP A OD2 1 
ATOM   9   N N   . LEU A 1 19 ? 1.459   8.475   9.301   1.00 37.31 ? 24  LEU A N   1 
ATOM   10  C CA  . LEU A 1 19 ? 1.816   9.444   8.273   1.00 32.65 ? 24  LEU A CA  1 
ATOM   11  C C   . LEU A 1 19 ? 1.468   8.938   6.880   1.00 29.78 ? 24  LEU A C   1 
ATOM   12  O O   . LEU A 1 19 ? 1.576   7.747   6.587   1.00 26.19 ? 24  LEU A O   1 
ATOM   13  C CB  . LEU A 1 19 ? 3.309   9.780   8.343   1.00 33.15 ? 24  LEU A CB  1 
ATOM   14  C CG  . LEU A 1 19 ? 3.792   10.543  9.584   1.00 34.76 ? 24  LEU A CG  1 
ATOM   15  C CD1 . LEU A 1 19 ? 5.289   10.773  9.479   1.00 35.02 ? 24  LEU A CD1 1 
ATOM   16  C CD2 . LEU A 1 19 ? 3.060   11.871  9.702   1.00 33.17 ? 24  LEU A CD2 1 
ATOM   17  N N   . VAL A 1 20 ? 1.040   9.861   6.030   1.00 26.61 ? 25  VAL A N   1 
ATOM   18  C CA  . VAL A 1 20 ? 0.676   9.535   4.663   1.00 26.65 ? 25  VAL A CA  1 
ATOM   19  C C   . VAL A 1 20 ? 1.893   9.682   3.757   1.00 25.92 ? 25  VAL A C   1 
ATOM   20  O O   . VAL A 1 20 ? 2.690   10.610  3.913   1.00 27.35 ? 25  VAL A O   1 
ATOM   21  C CB  . VAL A 1 20 ? -0.449  10.471  4.154   1.00 26.80 ? 25  VAL A CB  1 
ATOM   22  C CG1 . VAL A 1 20 ? -0.859  10.089  2.739   1.00 27.24 ? 25  VAL A CG1 1 
ATOM   23  C CG2 . VAL A 1 20 ? -1.646  10.398  5.088   1.00 27.51 ? 25  VAL A CG2 1 
ATOM   24  N N   . TYR A 1 21 ? 2.032   8.755   2.815   1.00 23.04 ? 26  TYR A N   1 
ATOM   25  C CA  . TYR A 1 21 ? 3.137   8.766   1.863   1.00 22.79 ? 26  TYR A CA  1 
ATOM   26  C C   . TYR A 1 21 ? 2.610   8.456   0.473   1.00 22.22 ? 26  TYR A C   1 
ATOM   27  O O   . TYR A 1 21 ? 1.537   7.876   0.323   1.00 22.05 ? 26  TYR A O   1 
ATOM   28  C CB  . TYR A 1 21 ? 4.175   7.705   2.235   1.00 23.36 ? 26  TYR A CB  1 
ATOM   29  C CG  . TYR A 1 21 ? 5.015   8.030   3.452   1.00 25.36 ? 26  TYR A CG  1 
ATOM   30  C CD1 . TYR A 1 21 ? 6.209   8.748   3.328   1.00 26.12 ? 26  TYR A CD1 1 
ATOM   31  C CD2 . TYR A 1 21 ? 4.628   7.607   4.723   1.00 26.50 ? 26  TYR A CD2 1 
ATOM   32  C CE1 . TYR A 1 21 ? 6.998   9.028   4.445   1.00 28.11 ? 26  TYR A CE1 1 
ATOM   33  C CE2 . TYR A 1 21 ? 5.408   7.885   5.844   1.00 27.69 ? 26  TYR A CE2 1 
ATOM   34  C CZ  . TYR A 1 21 ? 6.586   8.590   5.698   1.00 27.53 ? 26  TYR A CZ  1 
ATOM   35  O OH  . TYR A 1 21 ? 7.360   8.846   6.803   1.00 29.26 ? 26  TYR A OH  1 
ATOM   36  N N   . ALA A 1 22 ? 3.367   8.845   -0.543  1.00 20.33 ? 27  ALA A N   1 
ATOM   37  C CA  . ALA A 1 22 ? 2.980   8.561   -1.913  1.00 19.85 ? 27  ALA A CA  1 
ATOM   38  C C   . ALA A 1 22 ? 3.320   7.095   -2.133  1.00 18.12 ? 27  ALA A C   1 
ATOM   39  O O   . ALA A 1 22 ? 4.465   6.686   -1.953  1.00 17.32 ? 27  ALA A O   1 
ATOM   40  C CB  . ALA A 1 22 ? 3.776   9.434   -2.875  1.00 19.20 ? 27  ALA A CB  1 
ATOM   41  N N   . ALA A 1 23 ? 2.323   6.299   -2.500  1.00 16.87 ? 28  ALA A N   1 
ATOM   42  C CA  . ALA A 1 23 ? 2.549   4.881   -2.743  1.00 16.98 ? 28  ALA A CA  1 
ATOM   43  C C   . ALA A 1 23 ? 2.628   4.651   -4.243  1.00 16.34 ? 28  ALA A C   1 
ATOM   44  O O   . ALA A 1 23 ? 1.778   5.122   -4.997  1.00 18.15 ? 28  ALA A O   1 
ATOM   45  C CB  . ALA A 1 23 ? 1.419   4.061   -2.152  1.00 16.13 ? 28  ALA A CB  1 
ATOM   46  N N   . GLU A 1 24 ? 3.647   3.923   -4.677  1.00 16.62 ? 29  GLU A N   1 
ATOM   47  C CA  . GLU A 1 24 ? 3.810   3.649   -6.093  1.00 17.89 ? 29  GLU A CA  1 
ATOM   48  C C   . GLU A 1 24 ? 2.837   2.574   -6.546  1.00 18.59 ? 29  GLU A C   1 
ATOM   49  O O   . GLU A 1 24 ? 2.108   2.744   -7.529  1.00 18.16 ? 29  GLU A O   1 
ATOM   50  C CB  . GLU A 1 24 ? 5.237   3.190   -6.368  1.00 21.32 ? 29  GLU A CB  1 
ATOM   51  C CG  . GLU A 1 24 ? 5.637   3.226   -7.824  1.00 23.14 ? 29  GLU A CG  1 
ATOM   52  C CD  . GLU A 1 24 ? 7.027   2.690   -8.024  1.00 26.09 ? 29  GLU A CD  1 
ATOM   53  O OE1 . GLU A 1 24 ? 7.917   3.029   -7.208  1.00 26.22 ? 29  GLU A OE1 1 
ATOM   54  O OE2 . GLU A 1 24 ? 7.235   1.929   -8.993  1.00 29.63 ? 29  GLU A OE2 1 
ATOM   55  N N   . LYS A 1 25 ? 2.827   1.459   -5.825  1.00 16.06 ? 30  LYS A N   1 
ATOM   56  C CA  . LYS A 1 25 ? 1.947   0.362   -6.171  1.00 15.09 ? 30  LYS A CA  1 
ATOM   57  C C   . LYS A 1 25 ? 1.950   -0.729  -5.115  1.00 14.98 ? 30  LYS A C   1 
ATOM   58  O O   . LYS A 1 25 ? 2.812   -0.778  -4.240  1.00 15.45 ? 30  LYS A O   1 
ATOM   59  C CB  . LYS A 1 25 ? 2.387   -0.259  -7.492  1.00 17.17 ? 30  LYS A CB  1 
ATOM   60  C CG  . LYS A 1 25 ? 3.755   -0.916  -7.407  1.00 19.85 ? 30  LYS A CG  1 
ATOM   61  C CD  . LYS A 1 25 ? 4.229   -1.434  -8.748  1.00 25.46 ? 30  LYS A CD  1 
ATOM   62  C CE  . LYS A 1 25 ? 5.635   -1.990  -8.630  1.00 27.46 ? 30  LYS A CE  1 
ATOM   63  N NZ  . LYS A 1 25 ? 6.217   -2.353  -9.951  1.00 32.65 ? 30  LYS A NZ  1 
ATOM   64  N N   . ILE A 1 26 ? 0.967   -1.614  -5.224  1.00 14.23 ? 31  ILE A N   1 
ATOM   65  C CA  . ILE A 1 26 ? 0.835   -2.757  -4.331  1.00 13.44 ? 31  ILE A CA  1 
ATOM   66  C C   . ILE A 1 26 ? 1.351   -3.944  -5.141  1.00 14.52 ? 31  ILE A C   1 
ATOM   67  O O   . ILE A 1 26 ? 0.988   -4.098  -6.309  1.00 14.31 ? 31  ILE A O   1 
ATOM   68  C CB  . ILE A 1 26 ? -0.644  -2.984  -3.954  1.00 13.62 ? 31  ILE A CB  1 
ATOM   69  C CG1 . ILE A 1 26 ? -1.099  -1.875  -2.991  1.00 16.26 ? 31  ILE A CG1 1 
ATOM   70  C CG2 . ILE A 1 26 ? -0.830  -4.373  -3.362  1.00 15.22 ? 31  ILE A CG2 1 
ATOM   71  C CD1 . ILE A 1 26 ? -2.598  -1.940  -2.582  1.00 14.69 ? 31  ILE A CD1 1 
ATOM   72  N N   . ILE A 1 27 ? 2.191   -4.779  -4.536  1.00 13.74 ? 32  ILE A N   1 
ATOM   73  C CA  . ILE A 1 27 ? 2.749   -5.920  -5.249  1.00 14.77 ? 32  ILE A CA  1 
ATOM   74  C C   . ILE A 1 27 ? 2.286   -7.264  -4.703  1.00 16.12 ? 32  ILE A C   1 
ATOM   75  O O   . ILE A 1 27 ? 2.474   -8.292  -5.352  1.00 15.63 ? 32  ILE A O   1 
ATOM   76  C CB  . ILE A 1 27 ? 4.299   -5.883  -5.246  1.00 16.17 ? 32  ILE A CB  1 
ATOM   77  C CG1 . ILE A 1 27 ? 4.825   -5.849  -3.805  1.00 11.65 ? 32  ILE A CG1 1 
ATOM   78  C CG2 . ILE A 1 27 ? 4.790   -4.643  -5.988  1.00 15.43 ? 32  ILE A CG2 1 
ATOM   79  C CD1 . ILE A 1 27 ? 6.311   -6.183  -3.694  1.00 13.53 ? 32  ILE A CD1 1 
ATOM   80  N N   . GLN A 1 28 ? 1.667   -7.253  -3.527  1.00 16.79 ? 33  GLN A N   1 
ATOM   81  C CA  . GLN A 1 28 ? 1.169   -8.484  -2.924  1.00 16.58 ? 33  GLN A CA  1 
ATOM   82  C C   . GLN A 1 28 ? -0.013  -8.237  -2.009  1.00 18.59 ? 33  GLN A C   1 
ATOM   83  O O   . GLN A 1 28 ? -0.204  -7.133  -1.500  1.00 16.78 ? 33  GLN A O   1 
ATOM   84  C CB  . GLN A 1 28 ? 2.238   -9.160  -2.078  1.00 17.77 ? 33  GLN A CB  1 
ATOM   85  C CG  . GLN A 1 28 ? 3.544   -9.488  -2.774  1.00 16.43 ? 33  GLN A CG  1 
ATOM   86  C CD  . GLN A 1 28 ? 4.577   -9.942  -1.777  1.00 18.19 ? 33  GLN A CD  1 
ATOM   87  O OE1 . GLN A 1 28 ? 4.537   -11.070 -1.274  1.00 21.98 ? 33  GLN A OE1 1 
ATOM   88  N NE2 . GLN A 1 28 ? 5.500   -9.057  -1.464  1.00 13.25 ? 33  GLN A NE2 1 
ATOM   89  N N   . LYS A 1 29 ? -0.781  -9.297  -1.776  1.00 19.00 ? 34  LYS A N   1 
ATOM   90  C CA  . LYS A 1 29 ? -1.928  -9.246  -0.880  1.00 20.78 ? 34  LYS A CA  1 
ATOM   91  C C   . LYS A 1 29 ? -1.827  -10.449 0.047   1.00 21.62 ? 34  LYS A C   1 
ATOM   92  O O   . LYS A 1 29 ? -1.504  -11.550 -0.390  1.00 22.09 ? 34  LYS A O   1 
ATOM   93  C CB  . LYS A 1 29 ? -3.235  -9.304  -1.672  1.00 21.91 ? 34  LYS A CB  1 
ATOM   94  C CG  . LYS A 1 29 ? -4.480  -9.306  -0.799  1.00 24.11 ? 34  LYS A CG  1 
ATOM   95  C CD  . LYS A 1 29 ? -5.739  -9.322  -1.647  1.00 25.08 ? 34  LYS A CD  1 
ATOM   96  C CE  . LYS A 1 29 ? -6.989  -9.326  -0.785  1.00 26.37 ? 34  LYS A CE  1 
ATOM   97  N NZ  . LYS A 1 29 ? -8.208  -9.272  -1.632  1.00 26.86 ? 34  LYS A NZ  1 
ATOM   98  N N   . ARG A 1 30 ? -2.102  -10.236 1.327   1.00 22.88 ? 35  ARG A N   1 
ATOM   99  C CA  . ARG A 1 30 ? -2.039  -11.316 2.304   1.00 24.75 ? 35  ARG A CA  1 
ATOM   100 C C   . ARG A 1 30 ? -3.217  -11.216 3.260   1.00 25.29 ? 35  ARG A C   1 
ATOM   101 O O   . ARG A 1 30 ? -3.509  -10.144 3.779   1.00 24.27 ? 35  ARG A O   1 
ATOM   102 C CB  . ARG A 1 30 ? -0.730  -11.240 3.096   1.00 26.51 ? 35  ARG A CB  1 
ATOM   103 C CG  . ARG A 1 30 ? -0.557  -12.354 4.116   1.00 30.55 ? 35  ARG A CG  1 
ATOM   104 C CD  . ARG A 1 30 ? 0.803   -12.292 4.789   1.00 32.04 ? 35  ARG A CD  1 
ATOM   105 N NE  . ARG A 1 30 ? 0.969   -11.095 5.612   1.00 32.55 ? 35  ARG A NE  1 
ATOM   106 C CZ  . ARG A 1 30 ? 2.094   -10.780 6.248   1.00 33.09 ? 35  ARG A CZ  1 
ATOM   107 N NH1 . ARG A 1 30 ? 3.153   -11.572 6.156   1.00 35.29 ? 35  ARG A NH1 1 
ATOM   108 N NH2 . ARG A 1 30 ? 2.165   -9.676  6.981   1.00 32.33 ? 35  ARG A NH2 1 
ATOM   109 N N   . VAL A 1 31 ? -3.903  -12.333 3.478   1.00 24.52 ? 36  VAL A N   1 
ATOM   110 C CA  . VAL A 1 31 ? -5.037  -12.348 4.388   1.00 24.45 ? 36  VAL A CA  1 
ATOM   111 C C   . VAL A 1 31 ? -4.791  -13.397 5.458   1.00 25.66 ? 36  VAL A C   1 
ATOM   112 O O   . VAL A 1 31 ? -4.640  -14.577 5.155   1.00 25.19 ? 36  VAL A O   1 
ATOM   113 C CB  . VAL A 1 31 ? -6.358  -12.670 3.648   1.00 25.16 ? 36  VAL A CB  1 
ATOM   114 C CG1 . VAL A 1 31 ? -7.536  -12.569 4.617   1.00 25.03 ? 36  VAL A CG1 1 
ATOM   115 C CG2 . VAL A 1 31 ? -6.548  -11.711 2.487   1.00 24.85 ? 36  VAL A CG2 1 
ATOM   116 N N   . LYS A 1 32 ? -4.724  -12.953 6.707   1.00 23.60 ? 37  LYS A N   1 
ATOM   117 C CA  . LYS A 1 32 ? -4.506  -13.853 7.830   1.00 26.84 ? 37  LYS A CA  1 
ATOM   118 C C   . LYS A 1 32 ? -5.471  -13.540 8.957   1.00 25.43 ? 37  LYS A C   1 
ATOM   119 O O   . LYS A 1 32 ? -5.547  -12.406 9.425   1.00 26.54 ? 37  LYS A O   1 
ATOM   120 C CB  . LYS A 1 32 ? -3.070  -13.748 8.346   1.00 29.70 ? 37  LYS A CB  1 
ATOM   121 C CG  . LYS A 1 32 ? -2.058  -14.535 7.531   1.00 35.01 ? 37  LYS A CG  1 
ATOM   122 C CD  . LYS A 1 32 ? -0.708  -14.602 8.239   1.00 40.51 ? 37  LYS A CD  1 
ATOM   123 C CE  . LYS A 1 32 ? -0.830  -15.232 9.626   1.00 43.46 ? 37  LYS A CE  1 
ATOM   124 N NZ  . LYS A 1 32 ? 0.496   -15.436 10.270  1.00 45.89 ? 37  LYS A NZ  1 
ATOM   125 N N   . LYS A 1 33 ? -6.208  -14.556 9.386   1.00 24.78 ? 38  LYS A N   1 
ATOM   126 C CA  . LYS A 1 33 ? -7.183  -14.399 10.457  1.00 25.80 ? 38  LYS A CA  1 
ATOM   127 C C   . LYS A 1 33 ? -8.115  -13.218 10.213  1.00 24.66 ? 38  LYS A C   1 
ATOM   128 O O   . LYS A 1 33 ? -8.390  -12.440 11.123  1.00 25.84 ? 38  LYS A O   1 
ATOM   129 C CB  . LYS A 1 33 ? -6.465  -14.239 11.802  1.00 27.86 ? 38  LYS A CB  1 
ATOM   130 C CG  . LYS A 1 33 ? -5.505  -15.368 12.094  1.00 28.92 ? 38  LYS A CG  1 
ATOM   131 C CD  . LYS A 1 33 ? -5.016  -15.352 13.518  1.00 33.10 ? 38  LYS A CD  1 
ATOM   132 C CE  . LYS A 1 33 ? -4.073  -16.515 13.757  1.00 33.73 ? 38  LYS A CE  1 
ATOM   133 N NZ  . LYS A 1 33 ? -3.684  -16.618 15.191  1.00 35.30 ? 38  LYS A NZ  1 
ATOM   134 N N   . GLY A 1 34 ? -8.595  -13.100 8.978   1.00 24.17 ? 39  GLY A N   1 
ATOM   135 C CA  . GLY A 1 34 ? -9.514  -12.037 8.624   1.00 24.56 ? 39  GLY A CA  1 
ATOM   136 C C   . GLY A 1 34 ? -8.896  -10.671 8.406   1.00 25.79 ? 39  GLY A C   1 
ATOM   137 O O   . GLY A 1 34 ? -9.579  -9.752  7.960   1.00 26.12 ? 39  GLY A O   1 
ATOM   138 N N   . VAL A 1 35 ? -7.609  -10.543 8.717   1.00 25.24 ? 40  VAL A N   1 
ATOM   139 C CA  . VAL A 1 35 ? -6.884  -9.282  8.566   1.00 27.35 ? 40  VAL A CA  1 
ATOM   140 C C   . VAL A 1 35 ? -6.269  -9.186  7.174   1.00 27.09 ? 40  VAL A C   1 
ATOM   141 O O   . VAL A 1 35 ? -5.371  -9.953  6.834   1.00 26.86 ? 40  VAL A O   1 
ATOM   142 C CB  . VAL A 1 35 ? -5.761  -9.167  9.621   1.00 28.21 ? 40  VAL A CB  1 
ATOM   143 C CG1 . VAL A 1 35 ? -5.002  -7.867  9.435   1.00 30.43 ? 40  VAL A CG1 1 
ATOM   144 C CG2 . VAL A 1 35 ? -6.362  -9.236  11.024  1.00 30.19 ? 40  VAL A CG2 1 
ATOM   145 N N   . VAL A 1 36 ? -6.757  -8.243  6.372   1.00 27.02 ? 41  VAL A N   1 
ATOM   146 C CA  . VAL A 1 36 ? -6.256  -8.054  5.014   1.00 26.99 ? 41  VAL A CA  1 
ATOM   147 C C   . VAL A 1 36 ? -5.102  -7.054  4.983   1.00 27.16 ? 41  VAL A C   1 
ATOM   148 O O   . VAL A 1 36 ? -5.208  -5.958  5.530   1.00 25.15 ? 41  VAL A O   1 
ATOM   149 C CB  . VAL A 1 36 ? -7.377  -7.556  4.080   1.00 28.37 ? 41  VAL A CB  1 
ATOM   150 C CG1 . VAL A 1 36 ? -6.833  -7.345  2.678   1.00 27.69 ? 41  VAL A CG1 1 
ATOM   151 C CG2 . VAL A 1 36 ? -8.521  -8.555  4.068   1.00 30.19 ? 41  VAL A CG2 1 
ATOM   152 N N   . GLU A 1 37 ? -3.996  -7.449  4.354   1.00 24.63 ? 42  GLU A N   1 
ATOM   153 C CA  . GLU A 1 37 ? -2.820  -6.588  4.248   1.00 23.05 ? 42  GLU A CA  1 
ATOM   154 C C   . GLU A 1 37 ? -2.288  -6.552  2.827   1.00 20.84 ? 42  GLU A C   1 
ATOM   155 O O   . GLU A 1 37 ? -2.440  -7.513  2.069   1.00 20.43 ? 42  GLU A O   1 
ATOM   156 C CB  . GLU A 1 37 ? -1.703  -7.066  5.174   1.00 26.87 ? 42  GLU A CB  1 
ATOM   157 C CG  . GLU A 1 37 ? -2.106  -7.214  6.621   1.00 31.57 ? 42  GLU A CG  1 
ATOM   158 C CD  . GLU A 1 37 ? -0.957  -7.701  7.470   1.00 34.52 ? 42  GLU A CD  1 
ATOM   159 O OE1 . GLU A 1 37 ? -0.371  -8.753  7.131   1.00 34.98 ? 42  GLU A OE1 1 
ATOM   160 O OE2 . GLU A 1 37 ? -0.646  -7.043  8.483   1.00 38.43 ? 42  GLU A OE2 1 
ATOM   161 N N   . TYR A 1 38 ? -1.653  -5.438  2.469   1.00 17.63 ? 43  TYR A N   1 
ATOM   162 C CA  . TYR A 1 38 ? -1.090  -5.267  1.131   1.00 16.87 ? 43  TYR A CA  1 
ATOM   163 C C   . TYR A 1 38 ? 0.369   -4.848  1.238   1.00 14.32 ? 43  TYR A C   1 
ATOM   164 O O   . TYR A 1 38 ? 0.721   -4.036  2.082   1.00 16.19 ? 43  TYR A O   1 
ATOM   165 C CB  . TYR A 1 38 ? -1.863  -4.189  0.365   1.00 16.75 ? 43  TYR A CB  1 
ATOM   166 C CG  . TYR A 1 38 ? -3.278  -4.594  -0.001  1.00 18.07 ? 43  TYR A CG  1 
ATOM   167 C CD1 . TYR A 1 38 ? -3.518  -5.499  -1.029  1.00 18.51 ? 43  TYR A CD1 1 
ATOM   168 C CD2 . TYR A 1 38 ? -4.374  -4.056  0.671   1.00 19.74 ? 43  TYR A CD2 1 
ATOM   169 C CE1 . TYR A 1 38 ? -4.809  -5.859  -1.391  1.00 21.78 ? 43  TYR A CE1 1 
ATOM   170 C CE2 . TYR A 1 38 ? -5.679  -4.410  0.321   1.00 21.40 ? 43  TYR A CE2 1 
ATOM   171 C CZ  . TYR A 1 38 ? -5.888  -5.310  -0.710  1.00 24.10 ? 43  TYR A CZ  1 
ATOM   172 O OH  . TYR A 1 38 ? -7.170  -5.663  -1.065  1.00 27.31 ? 43  TYR A OH  1 
ATOM   173 N N   . ARG A 1 39 ? 1.210   -5.424  0.388   1.00 13.93 ? 44  ARG A N   1 
ATOM   174 C CA  . ARG A 1 39 ? 2.635   -5.099  0.371   1.00 12.68 ? 44  ARG A CA  1 
ATOM   175 C C   . ARG A 1 39 ? 2.777   -3.882  -0.546  1.00 13.02 ? 44  ARG A C   1 
ATOM   176 O O   . ARG A 1 39 ? 2.491   -3.957  -1.736  1.00 12.17 ? 44  ARG A O   1 
ATOM   177 C CB  . ARG A 1 39 ? 3.441   -6.281  -0.176  1.00 13.82 ? 44  ARG A CB  1 
ATOM   178 C CG  . ARG A 1 39 ? 4.959   -6.136  -0.041  1.00 13.46 ? 44  ARG A CG  1 
ATOM   179 C CD  . ARG A 1 39 ? 5.409   -6.132  1.425   1.00 16.49 ? 44  ARG A CD  1 
ATOM   180 N NE  . ARG A 1 39 ? 6.868   -6.154  1.529   1.00 17.38 ? 44  ARG A NE  1 
ATOM   181 C CZ  . ARG A 1 39 ? 7.543   -6.139  2.677   1.00 19.85 ? 44  ARG A CZ  1 
ATOM   182 N NH1 . ARG A 1 39 ? 6.892   -6.098  3.838   1.00 20.18 ? 44  ARG A NH1 1 
ATOM   183 N NH2 . ARG A 1 39 ? 8.871   -6.172  2.667   1.00 20.99 ? 44  ARG A NH2 1 
ATOM   184 N N   . VAL A 1 40 ? 3.220   -2.772  0.031   1.00 12.18 ? 45  VAL A N   1 
ATOM   185 C CA  . VAL A 1 40 ? 3.342   -1.509  -0.685  1.00 13.05 ? 45  VAL A CA  1 
ATOM   186 C C   . VAL A 1 40 ? 4.751   -1.083  -1.065  1.00 13.77 ? 45  VAL A C   1 
ATOM   187 O O   . VAL A 1 40 ? 5.672   -1.123  -0.245  1.00 14.69 ? 45  VAL A O   1 
ATOM   188 C CB  . VAL A 1 40 ? 2.730   -0.369  0.161   1.00 14.29 ? 45  VAL A CB  1 
ATOM   189 C CG1 . VAL A 1 40 ? 2.864   0.947   -0.563  1.00 13.69 ? 45  VAL A CG1 1 
ATOM   190 C CG2 . VAL A 1 40 ? 1.273   -0.671  0.479   1.00 14.71 ? 45  VAL A CG2 1 
ATOM   191 N N   . LYS A 1 41 ? 4.905   -0.668  -2.319  1.00 12.59 ? 46  LYS A N   1 
ATOM   192 C CA  . LYS A 1 41 ? 6.174   -0.145  -2.815  1.00 14.01 ? 46  LYS A CA  1 
ATOM   193 C C   . LYS A 1 41 ? 5.947   1.354   -2.714  1.00 14.13 ? 46  LYS A C   1 
ATOM   194 O O   . LYS A 1 41 ? 5.021   1.887   -3.323  1.00 14.02 ? 46  LYS A O   1 
ATOM   195 C CB  . LYS A 1 41 ? 6.429   -0.527  -4.283  1.00 13.13 ? 46  LYS A CB  1 
ATOM   196 C CG  . LYS A 1 41 ? 7.555   0.291   -4.965  1.00 12.93 ? 46  LYS A CG  1 
ATOM   197 C CD  . LYS A 1 41 ? 8.914   0.093   -4.291  1.00 15.53 ? 46  LYS A CD  1 
ATOM   198 C CE  . LYS A 1 41 ? 10.027  0.807   -5.080  1.00 17.19 ? 46  LYS A CE  1 
ATOM   199 N NZ  . LYS A 1 41 ? 9.758   2.284   -5.212  1.00 17.15 ? 46  LYS A NZ  1 
ATOM   200 N N   . TRP A 1 42 ? 6.784   2.040   -1.950  1.00 15.54 ? 47  TRP A N   1 
ATOM   201 C CA  . TRP A 1 42 ? 6.606   3.475   -1.777  1.00 15.30 ? 47  TRP A CA  1 
ATOM   202 C C   . TRP A 1 42 ? 7.409   4.277   -2.799  1.00 16.41 ? 47  TRP A C   1 
ATOM   203 O O   . TRP A 1 42 ? 8.553   3.944   -3.092  1.00 15.89 ? 47  TRP A O   1 
ATOM   204 C CB  . TRP A 1 42 ? 7.023   3.866   -0.359  1.00 14.08 ? 47  TRP A CB  1 
ATOM   205 C CG  . TRP A 1 42 ? 6.249   3.132   0.707   1.00 12.66 ? 47  TRP A CG  1 
ATOM   206 C CD1 . TRP A 1 42 ? 6.616   1.989   1.360   1.00 13.58 ? 47  TRP A CD1 1 
ATOM   207 C CD2 . TRP A 1 42 ? 4.942   3.466   1.184   1.00 14.64 ? 47  TRP A CD2 1 
ATOM   208 N NE1 . TRP A 1 42 ? 5.612   1.587   2.213   1.00 15.47 ? 47  TRP A NE1 1 
ATOM   209 C CE2 . TRP A 1 42 ? 4.572   2.478   2.126   1.00 15.41 ? 47  TRP A CE2 1 
ATOM   210 C CE3 . TRP A 1 42 ? 4.044   4.507   0.907   1.00 14.52 ? 47  TRP A CE3 1 
ATOM   211 C CZ2 . TRP A 1 42 ? 3.340   2.497   2.793   1.00 14.80 ? 47  TRP A CZ2 1 
ATOM   212 C CZ3 . TRP A 1 42 ? 2.817   4.527   1.571   1.00 16.44 ? 47  TRP A CZ3 1 
ATOM   213 C CH2 . TRP A 1 42 ? 2.479   3.527   2.502   1.00 15.96 ? 47  TRP A CH2 1 
ATOM   214 N N   . LYS A 1 43 ? 6.808   5.333   -3.337  1.00 17.09 ? 48  LYS A N   1 
ATOM   215 C CA  . LYS A 1 43 ? 7.480   6.167   -4.324  1.00 19.46 ? 48  LYS A CA  1 
ATOM   216 C C   . LYS A 1 43 ? 8.732   6.810   -3.744  1.00 17.72 ? 48  LYS A C   1 
ATOM   217 O O   . LYS A 1 43 ? 8.689   7.415   -2.677  1.00 16.49 ? 48  LYS A O   1 
ATOM   218 C CB  . LYS A 1 43 ? 6.537   7.264   -4.821  1.00 21.74 ? 48  LYS A CB  1 
ATOM   219 C CG  . LYS A 1 43 ? 7.107   8.093   -5.958  1.00 26.74 ? 48  LYS A CG  1 
ATOM   220 C CD  . LYS A 1 43 ? 6.209   9.268   -6.319  1.00 33.47 ? 48  LYS A CD  1 
ATOM   221 C CE  . LYS A 1 43 ? 4.875   8.808   -6.878  1.00 37.46 ? 48  LYS A CE  1 
ATOM   222 N NZ  . LYS A 1 43 ? 3.998   9.965   -7.226  1.00 40.61 ? 48  LYS A NZ  1 
ATOM   223 N N   . GLY A 1 44 ? 9.849   6.676   -4.450  1.00 17.49 ? 49  GLY A N   1 
ATOM   224 C CA  . GLY A 1 44 ? 11.089  7.272   -3.983  1.00 17.71 ? 49  GLY A CA  1 
ATOM   225 C C   . GLY A 1 44 ? 11.840  6.486   -2.927  1.00 18.89 ? 49  GLY A C   1 
ATOM   226 O O   . GLY A 1 44 ? 12.893  6.922   -2.448  1.00 17.45 ? 49  GLY A O   1 
ATOM   227 N N   . TRP A 1 45 ? 11.302  5.334   -2.542  1.00 17.29 ? 50  TRP A N   1 
ATOM   228 C CA  . TRP A 1 45 ? 11.959  4.493   -1.544  1.00 17.81 ? 50  TRP A CA  1 
ATOM   229 C C   . TRP A 1 45 ? 12.358  3.141   -2.136  1.00 19.41 ? 50  TRP A C   1 
ATOM   230 O O   . TRP A 1 45 ? 11.552  2.474   -2.784  1.00 17.03 ? 50  TRP A O   1 
ATOM   231 C CB  . TRP A 1 45 ? 11.043  4.252   -0.339  1.00 18.32 ? 50  TRP A CB  1 
ATOM   232 C CG  . TRP A 1 45 ? 10.811  5.462   0.514   1.00 19.44 ? 50  TRP A CG  1 
ATOM   233 C CD1 . TRP A 1 45 ? 10.062  6.560   0.203   1.00 20.39 ? 50  TRP A CD1 1 
ATOM   234 C CD2 . TRP A 1 45 ? 11.330  5.688   1.831   1.00 22.32 ? 50  TRP A CD2 1 
ATOM   235 N NE1 . TRP A 1 45 ? 10.081  7.458   1.250   1.00 21.52 ? 50  TRP A NE1 1 
ATOM   236 C CE2 . TRP A 1 45 ? 10.853  6.948   2.260   1.00 22.34 ? 50  TRP A CE2 1 
ATOM   237 C CE3 . TRP A 1 45 ? 12.153  4.947   2.691   1.00 24.46 ? 50  TRP A CE3 1 
ATOM   238 C CZ2 . TRP A 1 45 ? 11.175  7.486   3.514   1.00 23.71 ? 50  TRP A CZ2 1 
ATOM   239 C CZ3 . TRP A 1 45 ? 12.473  5.483   3.944   1.00 26.02 ? 50  TRP A CZ3 1 
ATOM   240 C CH2 . TRP A 1 45 ? 11.983  6.742   4.339   1.00 26.52 ? 50  TRP A CH2 1 
ATOM   241 N N   . ASN A 1 46 ? 13.607  2.744   -1.909  1.00 19.01 ? 51  ASN A N   1 
ATOM   242 C CA  . ASN A 1 46 ? 14.108  1.467   -2.403  1.00 20.53 ? 51  ASN A CA  1 
ATOM   243 C C   . ASN A 1 46 ? 13.125  0.379   -1.966  1.00 20.65 ? 51  ASN A C   1 
ATOM   244 O O   . ASN A 1 46 ? 12.582  0.432   -0.864  1.00 19.24 ? 51  ASN A O   1 
ATOM   245 C CB  . ASN A 1 46 ? 15.504  1.193   -1.825  1.00 22.91 ? 51  ASN A CB  1 
ATOM   246 C CG  . ASN A 1 46 ? 16.179  -0.006  -2.467  1.00 26.29 ? 51  ASN A CG  1 
ATOM   247 O OD1 . ASN A 1 46 ? 15.781  -1.151  -2.251  1.00 26.56 ? 51  ASN A OD1 1 
ATOM   248 N ND2 . ASN A 1 46 ? 17.209  0.255   -3.265  1.00 28.56 ? 51  ASN A ND2 1 
ATOM   249 N N   . GLN A 1 47 ? 12.895  -0.602  -2.832  1.00 20.84 ? 52  GLN A N   1 
ATOM   250 C CA  . GLN A 1 47 ? 11.954  -1.674  -2.521  1.00 22.06 ? 52  GLN A CA  1 
ATOM   251 C C   . GLN A 1 47 ? 12.321  -2.450  -1.265  1.00 23.37 ? 52  GLN A C   1 
ATOM   252 O O   . GLN A 1 47 ? 11.496  -3.177  -0.710  1.00 19.69 ? 52  GLN A O   1 
ATOM   253 C CB  . GLN A 1 47 ? 11.810  -2.624  -3.719  1.00 23.25 ? 52  GLN A CB  1 
ATOM   254 C CG  . GLN A 1 47 ? 13.074  -3.370  -4.135  1.00 24.32 ? 52  GLN A CG  1 
ATOM   255 C CD  . GLN A 1 47 ? 12.942  -3.962  -5.535  1.00 26.34 ? 52  GLN A CD  1 
ATOM   256 O OE1 . GLN A 1 47 ? 11.866  -4.428  -5.924  1.00 26.07 ? 52  GLN A OE1 1 
ATOM   257 N NE2 . GLN A 1 47 ? 14.038  -3.962  -6.290  1.00 25.33 ? 52  GLN A NE2 1 
ATOM   258 N N   . ARG A 1 48 ? 13.556  -2.298  -0.803  1.00 24.79 ? 53  ARG A N   1 
ATOM   259 C CA  . ARG A 1 48 ? 13.953  -2.996  0.408   1.00 25.36 ? 53  ARG A CA  1 
ATOM   260 C C   . ARG A 1 48 ? 13.144  -2.421  1.570   1.00 25.04 ? 53  ARG A C   1 
ATOM   261 O O   . ARG A 1 48 ? 13.091  -3.002  2.649   1.00 25.60 ? 53  ARG A O   1 
ATOM   262 C CB  . ARG A 1 48 ? 15.457  -2.833  0.669   1.00 28.92 ? 53  ARG A CB  1 
ATOM   263 C CG  . ARG A 1 48 ? 15.872  -1.493  1.276   1.00 33.32 ? 53  ARG A CG  1 
ATOM   264 C CD  . ARG A 1 48 ? 17.340  -1.529  1.717   1.00 36.55 ? 53  ARG A CD  1 
ATOM   265 N NE  . ARG A 1 48 ? 18.258  -1.158  0.647   1.00 40.16 ? 53  ARG A NE  1 
ATOM   266 C CZ  . ARG A 1 48 ? 18.713  0.076   0.454   1.00 42.71 ? 53  ARG A CZ  1 
ATOM   267 N NH1 . ARG A 1 48 ? 18.338  1.058   1.261   1.00 42.99 ? 53  ARG A NH1 1 
ATOM   268 N NH2 . ARG A 1 48 ? 19.538  0.329   -0.552  1.00 45.24 ? 53  ARG A NH2 1 
ATOM   269 N N   . TYR A 1 49 ? 12.507  -1.275  1.336   1.00 23.58 ? 54  TYR A N   1 
ATOM   270 C CA  . TYR A 1 49 ? 11.696  -0.622  2.358   1.00 22.36 ? 54  TYR A CA  1 
ATOM   271 C C   . TYR A 1 49 ? 10.184  -0.821  2.189   1.00 20.76 ? 54  TYR A C   1 
ATOM   272 O O   . TYR A 1 49 ? 9.392   -0.127  2.830   1.00 20.10 ? 54  TYR A O   1 
ATOM   273 C CB  . TYR A 1 49 ? 12.005  0.876   2.393   1.00 22.75 ? 54  TYR A CB  1 
ATOM   274 C CG  . TYR A 1 49 ? 13.439  1.185   2.757   1.00 25.08 ? 54  TYR A CG  1 
ATOM   275 C CD1 . TYR A 1 49 ? 13.925  0.926   4.037   1.00 30.41 ? 54  TYR A CD1 1 
ATOM   276 C CD2 . TYR A 1 49 ? 14.318  1.705   1.812   1.00 25.76 ? 54  TYR A CD2 1 
ATOM   277 C CE1 . TYR A 1 49 ? 15.260  1.176   4.372   1.00 29.94 ? 54  TYR A CE1 1 
ATOM   278 C CE2 . TYR A 1 49 ? 15.649  1.957   2.131   1.00 28.16 ? 54  TYR A CE2 1 
ATOM   279 C CZ  . TYR A 1 49 ? 16.116  1.689   3.413   1.00 32.16 ? 54  TYR A CZ  1 
ATOM   280 O OH  . TYR A 1 49 ? 17.439  1.933   3.707   1.00 32.02 ? 54  TYR A OH  1 
ATOM   281 N N   . ASN A 1 50 ? 9.780   -1.734  1.310   1.00 18.74 ? 55  ASN A N   1 
ATOM   282 C CA  . ASN A 1 50 ? 8.355   -2.006  1.130   1.00 16.17 ? 55  ASN A CA  1 
ATOM   283 C C   . ASN A 1 50 ? 7.808   -2.438  2.483   1.00 16.77 ? 55  ASN A C   1 
ATOM   284 O O   . ASN A 1 50 ? 8.552   -2.954  3.316   1.00 15.54 ? 55  ASN A O   1 
ATOM   285 C CB  . ASN A 1 50 ? 8.128   -3.136  0.113   1.00 15.49 ? 55  ASN A CB  1 
ATOM   286 C CG  . ASN A 1 50 ? 8.439   -2.716  -1.312  1.00 16.20 ? 55  ASN A CG  1 
ATOM   287 O OD1 . ASN A 1 50 ? 8.689   -1.540  -1.585  1.00 14.90 ? 55  ASN A OD1 1 
ATOM   288 N ND2 . ASN A 1 50 ? 8.419   -3.680  -2.233  1.00 14.45 ? 55  ASN A ND2 1 
ATOM   289 N N   . THR A 1 51 ? 6.517   -2.224  2.704   1.00 15.47 ? 56  THR A N   1 
ATOM   290 C CA  . THR A 1 51 ? 5.898   -2.609  3.963   1.00 16.38 ? 56  THR A CA  1 
ATOM   291 C C   . THR A 1 51 ? 4.533   -3.257  3.755   1.00 17.36 ? 56  THR A C   1 
ATOM   292 O O   . THR A 1 51 ? 3.886   -3.076  2.719   1.00 16.87 ? 56  THR A O   1 
ATOM   293 C CB  . THR A 1 51 ? 5.683   -1.381  4.869   1.00 15.85 ? 56  THR A CB  1 
ATOM   294 O OG1 . THR A 1 51 ? 4.813   -0.451  4.206   1.00 17.26 ? 56  THR A OG1 1 
ATOM   295 C CG2 . THR A 1 51 ? 7.015   -0.692  5.180   1.00 16.95 ? 56  THR A CG2 1 
ATOM   296 N N   . TRP A 1 52 ? 4.105   -4.032  4.747   1.00 17.06 ? 57  TRP A N   1 
ATOM   297 C CA  . TRP A 1 52 ? 2.783   -4.643  4.697   1.00 18.27 ? 57  TRP A CA  1 
ATOM   298 C C   . TRP A 1 52 ? 1.875   -3.622  5.383   1.00 18.65 ? 57  TRP A C   1 
ATOM   299 O O   . TRP A 1 52 ? 2.181   -3.160  6.482   1.00 20.84 ? 57  TRP A O   1 
ATOM   300 C CB  . TRP A 1 52 ? 2.735   -5.956  5.485   1.00 17.50 ? 57  TRP A CB  1 
ATOM   301 C CG  . TRP A 1 52 ? 3.324   -7.151  4.759   1.00 17.26 ? 57  TRP A CG  1 
ATOM   302 C CD1 . TRP A 1 52 ? 4.498   -7.790  5.043   1.00 16.88 ? 57  TRP A CD1 1 
ATOM   303 C CD2 . TRP A 1 52 ? 2.743   -7.857  3.654   1.00 16.89 ? 57  TRP A CD2 1 
ATOM   304 N NE1 . TRP A 1 52 ? 4.678   -8.858  4.185   1.00 17.68 ? 57  TRP A NE1 1 
ATOM   305 C CE2 . TRP A 1 52 ? 3.613   -8.921  3.326   1.00 17.23 ? 57  TRP A CE2 1 
ATOM   306 C CE3 . TRP A 1 52 ? 1.566   -7.698  2.913   1.00 15.73 ? 57  TRP A CE3 1 
ATOM   307 C CZ2 . TRP A 1 52 ? 3.344   -9.818  2.288   1.00 18.94 ? 57  TRP A CZ2 1 
ATOM   308 C CZ3 . TRP A 1 52 ? 1.296   -8.590  1.879   1.00 17.48 ? 57  TRP A CZ3 1 
ATOM   309 C CH2 . TRP A 1 52 ? 2.183   -9.640  1.578   1.00 19.90 ? 57  TRP A CH2 1 
ATOM   310 N N   . GLU A 1 53 ? 0.775   -3.257  4.739   1.00 18.40 ? 58  GLU A N   1 
ATOM   311 C CA  . GLU A 1 53 ? -0.143  -2.292  5.328   1.00 19.18 ? 58  GLU A CA  1 
ATOM   312 C C   . GLU A 1 53 ? -1.564  -2.840  5.362   1.00 20.22 ? 58  GLU A C   1 
ATOM   313 O O   . GLU A 1 53 ? -1.998  -3.510  4.430   1.00 20.07 ? 58  GLU A O   1 
ATOM   314 C CB  . GLU A 1 53 ? -0.144  -0.984  4.516   1.00 18.92 ? 58  GLU A CB  1 
ATOM   315 C CG  . GLU A 1 53 ? 1.197   -0.247  4.416   1.00 18.26 ? 58  GLU A CG  1 
ATOM   316 C CD  . GLU A 1 53 ? 1.740   0.209   5.760   1.00 18.14 ? 58  GLU A CD  1 
ATOM   317 O OE1 . GLU A 1 53 ? 0.942   0.347   6.715   1.00 18.49 ? 58  GLU A OE1 1 
ATOM   318 O OE2 . GLU A 1 53 ? 2.969   0.448   5.849   1.00 19.60 ? 58  GLU A OE2 1 
ATOM   319 N N   . PRO A 1 54 ? -2.306  -2.570  6.449   1.00 21.05 ? 59  PRO A N   1 
ATOM   320 C CA  . PRO A 1 54 ? -3.686  -3.052  6.545   1.00 21.67 ? 59  PRO A CA  1 
ATOM   321 C C   . PRO A 1 54 ? -4.497  -2.356  5.458   1.00 22.33 ? 59  PRO A C   1 
ATOM   322 O O   . PRO A 1 54 ? -4.144  -1.255  5.035   1.00 22.42 ? 59  PRO A O   1 
ATOM   323 C CB  . PRO A 1 54 ? -4.098  -2.634  7.958   1.00 23.08 ? 59  PRO A CB  1 
ATOM   324 C CG  . PRO A 1 54 ? -3.310  -1.375  8.175   1.00 22.51 ? 59  PRO A CG  1 
ATOM   325 C CD  . PRO A 1 54 ? -1.950  -1.761  7.626   1.00 21.35 ? 59  PRO A CD  1 
ATOM   326 N N   . GLU A 1 55 ? -5.570  -2.994  5.002   1.00 22.85 ? 60  GLU A N   1 
ATOM   327 C CA  . GLU A 1 55 ? -6.391  -2.423  3.946   1.00 23.19 ? 60  GLU A CA  1 
ATOM   328 C C   . GLU A 1 55 ? -6.866  -1.005  4.246   1.00 22.19 ? 60  GLU A C   1 
ATOM   329 O O   . GLU A 1 55 ? -6.987  -0.180  3.339   1.00 23.41 ? 60  GLU A O   1 
ATOM   330 C CB  . GLU A 1 55 ? -7.594  -3.334  3.665   1.00 26.81 ? 60  GLU A CB  1 
ATOM   331 C CG  . GLU A 1 55 ? -8.403  -2.957  2.431   1.00 31.42 ? 60  GLU A CG  1 
ATOM   332 C CD  . GLU A 1 55 ? -9.249  -4.111  1.917   1.00 36.83 ? 60  GLU A CD  1 
ATOM   333 O OE1 . GLU A 1 55 ? -10.002 -4.697  2.725   1.00 35.84 ? 60  GLU A OE1 1 
ATOM   334 O OE2 . GLU A 1 55 ? -9.155  -4.428  0.707   1.00 35.92 ? 60  GLU A OE2 1 
ATOM   335 N N   . VAL A 1 56 ? -7.117  -0.712  5.518   1.00 21.76 ? 61  VAL A N   1 
ATOM   336 C CA  . VAL A 1 56 ? -7.600  0.613   5.896   1.00 21.63 ? 61  VAL A CA  1 
ATOM   337 C C   . VAL A 1 56 ? -6.555  1.700   5.638   1.00 19.92 ? 61  VAL A C   1 
ATOM   338 O O   . VAL A 1 56 ? -6.887  2.881   5.565   1.00 20.09 ? 61  VAL A O   1 
ATOM   339 C CB  . VAL A 1 56 ? -8.024  0.654   7.384   1.00 22.46 ? 61  VAL A CB  1 
ATOM   340 C CG1 . VAL A 1 56 ? -6.809  0.538   8.293   1.00 23.27 ? 61  VAL A CG1 1 
ATOM   341 C CG2 . VAL A 1 56 ? -8.789  1.942   7.672   1.00 26.09 ? 61  VAL A CG2 1 
ATOM   342 N N   . ASN A 1 57 ? -5.296  1.296   5.489   1.00 17.87 ? 62  ASN A N   1 
ATOM   343 C CA  . ASN A 1 57 ? -4.218  2.251   5.221   1.00 17.43 ? 62  ASN A CA  1 
ATOM   344 C C   . ASN A 1 57 ? -4.064  2.559   3.730   1.00 15.31 ? 62  ASN A C   1 
ATOM   345 O O   . ASN A 1 57 ? -3.315  3.464   3.349   1.00 17.14 ? 62  ASN A O   1 
ATOM   346 C CB  . ASN A 1 57 ? -2.889  1.731   5.771   1.00 17.46 ? 62  ASN A CB  1 
ATOM   347 C CG  . ASN A 1 57 ? -2.701  2.053   7.242   1.00 20.50 ? 62  ASN A CG  1 
ATOM   348 O OD1 . ASN A 1 57 ? -3.635  2.479   7.918   1.00 20.84 ? 62  ASN A OD1 1 
ATOM   349 N ND2 . ASN A 1 57 ? -1.486  1.843   7.747   1.00 21.33 ? 62  ASN A ND2 1 
ATOM   350 N N   . ILE A 1 58 ? -4.748  1.805   2.881   1.00 14.65 ? 63  ILE A N   1 
ATOM   351 C CA  . ILE A 1 58 ? -4.661  2.059   1.445   1.00 16.26 ? 63  ILE A CA  1 
ATOM   352 C C   . ILE A 1 58 ? -5.715  3.123   1.127   1.00 15.69 ? 63  ILE A C   1 
ATOM   353 O O   . ILE A 1 58 ? -6.835  2.808   0.717   1.00 18.25 ? 63  ILE A O   1 
ATOM   354 C CB  . ILE A 1 58 ? -4.915  0.774   0.623   1.00 14.28 ? 63  ILE A CB  1 
ATOM   355 C CG1 . ILE A 1 58 ? -4.004  -0.358  1.125   1.00 14.59 ? 63  ILE A CG1 1 
ATOM   356 C CG2 . ILE A 1 58 ? -4.628  1.038   -0.850  1.00 15.83 ? 63  ILE A CG2 1 
ATOM   357 C CD1 . ILE A 1 58 ? -2.510  -0.014  1.099   1.00 14.86 ? 63  ILE A CD1 1 
ATOM   358 N N   . LEU A 1 59 ? -5.327  4.384   1.313   1.00 16.27 ? 64  LEU A N   1 
ATOM   359 C CA  . LEU A 1 59 ? -6.209  5.542   1.119   1.00 17.48 ? 64  LEU A CA  1 
ATOM   360 C C   . LEU A 1 59 ? -6.749  5.719   -0.304  1.00 18.36 ? 64  LEU A C   1 
ATOM   361 O O   . LEU A 1 59 ? -7.956  5.883   -0.491  1.00 18.76 ? 64  LEU A O   1 
ATOM   362 C CB  . LEU A 1 59 ? -5.476  6.809   1.569   1.00 18.15 ? 64  LEU A CB  1 
ATOM   363 C CG  . LEU A 1 59 ? -4.979  6.803   3.020   1.00 17.93 ? 64  LEU A CG  1 
ATOM   364 C CD1 . LEU A 1 59 ? -4.299  8.127   3.336   1.00 17.74 ? 64  LEU A CD1 1 
ATOM   365 C CD2 . LEU A 1 59 ? -6.150  6.563   3.952   1.00 20.59 ? 64  LEU A CD2 1 
ATOM   366 N N   . ASP A 1 60 ? -5.860  5.681   -1.294  1.00 17.51 ? 65  ASP A N   1 
ATOM   367 C CA  . ASP A 1 60 ? -6.261  5.828   -2.684  1.00 17.83 ? 65  ASP A CA  1 
ATOM   368 C C   . ASP A 1 60 ? -6.591  4.443   -3.224  1.00 19.01 ? 65  ASP A C   1 
ATOM   369 O O   . ASP A 1 60 ? -5.693  3.622   -3.434  1.00 18.00 ? 65  ASP A O   1 
ATOM   370 C CB  . ASP A 1 60 ? -5.126  6.452   -3.493  1.00 17.02 ? 65  ASP A CB  1 
ATOM   371 C CG  . ASP A 1 60 ? -5.574  6.903   -4.879  1.00 18.48 ? 65  ASP A CG  1 
ATOM   372 O OD1 . ASP A 1 60 ? -6.144  6.083   -5.619  1.00 19.92 ? 65  ASP A OD1 1 
ATOM   373 O OD2 . ASP A 1 60 ? -5.338  8.077   -5.220  1.00 19.27 ? 65  ASP A OD2 1 
ATOM   374 N N   . ARG A 1 61 ? -7.874  4.188   -3.462  1.00 18.21 ? 66  ARG A N   1 
ATOM   375 C CA  . ARG A 1 61 ? -8.315  2.884   -3.942  1.00 19.38 ? 66  ARG A CA  1 
ATOM   376 C C   . ARG A 1 61 ? -7.733  2.457   -5.282  1.00 17.34 ? 66  ARG A C   1 
ATOM   377 O O   . ARG A 1 61 ? -7.784  1.283   -5.624  1.00 17.11 ? 66  ARG A O   1 
ATOM   378 C CB  . ARG A 1 61 ? -9.847  2.825   -4.004  1.00 24.07 ? 66  ARG A CB  1 
ATOM   379 C CG  . ARG A 1 61 ? -10.370 1.399   -3.998  1.00 29.34 ? 66  ARG A CG  1 
ATOM   380 C CD  . ARG A 1 61 ? -11.770 1.301   -4.578  1.00 35.52 ? 66  ARG A CD  1 
ATOM   381 N NE  . ARG A 1 61 ? -11.808 1.794   -5.951  1.00 41.13 ? 66  ARG A NE  1 
ATOM   382 C CZ  . ARG A 1 61 ? -12.828 1.620   -6.784  1.00 44.20 ? 66  ARG A CZ  1 
ATOM   383 N NH1 . ARG A 1 61 ? -13.904 0.956   -6.381  1.00 46.98 ? 66  ARG A NH1 1 
ATOM   384 N NH2 . ARG A 1 61 ? -12.770 2.114   -8.016  1.00 45.45 ? 66  ARG A NH2 1 
ATOM   385 N N   . ARG A 1 62 ? -7.180  3.392   -6.045  1.00 17.99 ? 67  ARG A N   1 
ATOM   386 C CA  . ARG A 1 62 ? -6.613  3.017   -7.335  1.00 19.05 ? 67  ARG A CA  1 
ATOM   387 C C   . ARG A 1 62 ? -5.497  1.995   -7.148  1.00 17.57 ? 67  ARG A C   1 
ATOM   388 O O   . ARG A 1 62 ? -5.252  1.159   -8.026  1.00 16.51 ? 67  ARG A O   1 
ATOM   389 C CB  . ARG A 1 62 ? -6.060  4.235   -8.072  1.00 17.86 ? 67  ARG A CB  1 
ATOM   390 C CG  . ARG A 1 62 ? -7.129  5.151   -8.644  1.00 18.95 ? 67  ARG A CG  1 
ATOM   391 C CD  . ARG A 1 62 ? -6.505  6.379   -9.281  1.00 19.10 ? 67  ARG A CD  1 
ATOM   392 N NE  . ARG A 1 62 ? -5.927  7.275   -8.278  1.00 20.30 ? 67  ARG A NE  1 
ATOM   393 C CZ  . ARG A 1 62 ? -5.166  8.328   -8.560  1.00 21.01 ? 67  ARG A CZ  1 
ATOM   394 N NH1 . ARG A 1 62 ? -4.878  8.626   -9.822  1.00 25.55 ? 67  ARG A NH1 1 
ATOM   395 N NH2 . ARG A 1 62 ? -4.699  9.090   -7.586  1.00 20.02 ? 67  ARG A NH2 1 
ATOM   396 N N   . LEU A 1 63 ? -4.823  2.065   -6.005  1.00 16.83 ? 68  LEU A N   1 
ATOM   397 C CA  . LEU A 1 63 ? -3.739  1.134   -5.714  1.00 15.06 ? 68  LEU A CA  1 
ATOM   398 C C   . LEU A 1 63 ? -4.277  -0.291  -5.700  1.00 16.48 ? 68  LEU A C   1 
ATOM   399 O O   . LEU A 1 63 ? -3.646  -1.208  -6.233  1.00 15.35 ? 68  LEU A O   1 
ATOM   400 C CB  . LEU A 1 63 ? -3.094  1.486   -4.366  1.00 13.57 ? 68  LEU A CB  1 
ATOM   401 C CG  . LEU A 1 63 ? -2.277  2.790   -4.388  1.00 14.49 ? 68  LEU A CG  1 
ATOM   402 C CD1 . LEU A 1 63 ? -2.100  3.338   -2.975  1.00 11.63 ? 68  LEU A CD1 1 
ATOM   403 C CD2 . LEU A 1 63 ? -0.909  2.533   -5.041  1.00 15.44 ? 68  LEU A CD2 1 
ATOM   404 N N   . ILE A 1 64 ? -5.446  -0.477  -5.092  1.00 16.72 ? 69  ILE A N   1 
ATOM   405 C CA  . ILE A 1 64 ? -6.062  -1.798  -5.024  1.00 19.72 ? 69  ILE A CA  1 
ATOM   406 C C   . ILE A 1 64 ? -6.681  -2.182  -6.372  1.00 21.89 ? 69  ILE A C   1 
ATOM   407 O O   . ILE A 1 64 ? -6.576  -3.331  -6.804  1.00 21.86 ? 69  ILE A O   1 
ATOM   408 C CB  . ILE A 1 64 ? -7.143  -1.854  -3.921  1.00 20.10 ? 69  ILE A CB  1 
ATOM   409 C CG1 . ILE A 1 64 ? -6.474  -1.720  -2.544  1.00 21.56 ? 69  ILE A CG1 1 
ATOM   410 C CG2 . ILE A 1 64 ? -7.925  -3.170  -4.009  1.00 21.32 ? 69  ILE A CG2 1 
ATOM   411 C CD1 . ILE A 1 64 ? -7.446  -1.658  -1.370  1.00 22.88 ? 69  ILE A CD1 1 
ATOM   412 N N   . ASP A 1 65 ? -7.318  -1.221  -7.038  1.00 22.47 ? 70  ASP A N   1 
ATOM   413 C CA  . ASP A 1 65 ? -7.932  -1.481  -8.343  1.00 25.28 ? 70  ASP A CA  1 
ATOM   414 C C   . ASP A 1 65 ? -6.900  -1.990  -9.340  1.00 25.72 ? 70  ASP A C   1 
ATOM   415 O O   . ASP A 1 65 ? -7.114  -2.992  -10.026 1.00 27.52 ? 70  ASP A O   1 
ATOM   416 C CB  . ASP A 1 65 ? -8.575  -0.210  -8.915  1.00 25.33 ? 70  ASP A CB  1 
ATOM   417 C CG  . ASP A 1 65 ? -9.751  0.267   -8.097  1.00 26.41 ? 70  ASP A CG  1 
ATOM   418 O OD1 . ASP A 1 65 ? -10.450 -0.583  -7.511  1.00 29.55 ? 70  ASP A OD1 1 
ATOM   419 O OD2 . ASP A 1 65 ? -9.992  1.492   -8.055  1.00 29.61 ? 70  ASP A OD2 1 
ATOM   420 N N   . ILE A 1 66 ? -5.782  -1.278  -9.426  1.00 24.37 ? 71  ILE A N   1 
ATOM   421 C CA  . ILE A 1 66 ? -4.714  -1.653  -10.341 1.00 25.46 ? 71  ILE A CA  1 
ATOM   422 C C   . ILE A 1 66 ? -4.162  -3.041  -10.015 1.00 25.99 ? 71  ILE A C   1 
ATOM   423 O O   . ILE A 1 66 ? -3.790  -3.795  -10.917 1.00 26.51 ? 71  ILE A O   1 
ATOM   424 C CB  . ILE A 1 66 ? -3.583  -0.602  -10.306 1.00 24.49 ? 71  ILE A CB  1 
ATOM   425 C CG1 . ILE A 1 66 ? -4.120  0.734   -10.838 1.00 25.85 ? 71  ILE A CG1 1 
ATOM   426 C CG2 . ILE A 1 66 ? -2.388  -1.072  -11.135 1.00 24.09 ? 71  ILE A CG2 1 
ATOM   427 C CD1 . ILE A 1 66 ? -3.122  1.884   -10.800 1.00 26.18 ? 71  ILE A CD1 1 
ATOM   428 N N   . TYR A 1 67 ? -4.133  -3.384  -8.728  1.00 26.92 ? 72  TYR A N   1 
ATOM   429 C CA  . TYR A 1 67 ? -3.627  -4.687  -8.290  1.00 27.06 ? 72  TYR A CA  1 
ATOM   430 C C   . TYR A 1 67 ? -4.530  -5.858  -8.657  1.00 29.32 ? 72  TYR A C   1 
ATOM   431 O O   . TYR A 1 67 ? -4.106  -6.777  -9.359  1.00 29.11 ? 72  TYR A O   1 
ATOM   432 C CB  . TYR A 1 67 ? -3.414  -4.716  -6.772  1.00 22.97 ? 72  TYR A CB  1 
ATOM   433 C CG  . TYR A 1 67 ? -2.910  -6.057  -6.274  1.00 22.37 ? 72  TYR A CG  1 
ATOM   434 C CD1 . TYR A 1 67 ? -1.601  -6.476  -6.535  1.00 20.30 ? 72  TYR A CD1 1 
ATOM   435 C CD2 . TYR A 1 67 ? -3.761  -6.936  -5.601  1.00 21.98 ? 72  TYR A CD2 1 
ATOM   436 C CE1 . TYR A 1 67 ? -1.154  -7.741  -6.142  1.00 20.85 ? 72  TYR A CE1 1 
ATOM   437 C CE2 . TYR A 1 67 ? -3.331  -8.201  -5.203  1.00 23.10 ? 72  TYR A CE2 1 
ATOM   438 C CZ  . TYR A 1 67 ? -2.028  -8.599  -5.478  1.00 22.60 ? 72  TYR A CZ  1 
ATOM   439 O OH  . TYR A 1 67 ? -1.595  -9.853  -5.105  1.00 23.79 ? 72  TYR A OH  1 
ATOM   440 N N   . GLU A 1 68 ? -5.761  -5.825  -8.155  1.00 31.00 ? 73  GLU A N   1 
ATOM   441 C CA  . GLU A 1 68 ? -6.731  -6.891  -8.393  1.00 33.41 ? 73  GLU A CA  1 
ATOM   442 C C   . GLU A 1 68 ? -6.723  -7.406  -9.830  1.00 34.42 ? 73  GLU A C   1 
ATOM   443 O O   . GLU A 1 68 ? -7.720  -7.318  -10.542 1.00 35.37 ? 73  GLU A O   1 
ATOM   444 C CB  . GLU A 1 68 ? -8.136  -6.415  -8.008  1.00 33.42 ? 73  GLU A CB  1 
ATOM   445 C CG  . GLU A 1 68 ? -8.270  -6.057  -6.532  1.00 36.57 ? 73  GLU A CG  1 
ATOM   446 C CD  . GLU A 1 68 ? -9.692  -5.710  -6.132  1.00 37.98 ? 73  GLU A CD  1 
ATOM   447 O OE1 . GLU A 1 68 ? -10.335 -4.909  -6.842  1.00 39.58 ? 73  GLU A OE1 1 
ATOM   448 O OE2 . GLU A 1 68 ? -10.162 -6.224  -5.097  1.00 40.64 ? 73  GLU A OE2 1 
ATOM   449 N N   . LEU B 2 6  ? -2.125  14.116  -9.630  1.00 44.78 ? 20  LEU B N   1 
ATOM   450 C CA  . LEU B 2 6  ? -3.214  13.230  -10.129 1.00 44.25 ? 20  LEU B CA  1 
ATOM   451 C C   . LEU B 2 6  ? -2.759  11.777  -10.204 1.00 42.54 ? 20  LEU B C   1 
ATOM   452 O O   . LEU B 2 6  ? -3.559  10.861  -10.017 1.00 42.96 ? 20  LEU B O   1 
ATOM   453 C CB  . LEU B 2 6  ? -3.678  13.689  -11.515 1.00 45.95 ? 20  LEU B CB  1 
ATOM   454 C CG  . LEU B 2 6  ? -2.597  13.871  -12.590 1.00 48.44 ? 20  LEU B CG  1 
ATOM   455 C CD1 . LEU B 2 6  ? -3.230  13.833  -13.971 1.00 49.20 ? 20  LEU B CD1 1 
ATOM   456 C CD2 . LEU B 2 6  ? -1.868  15.184  -12.367 1.00 49.11 ? 20  LEU B CD2 1 
ATOM   457 N N   . ALA B 2 7  ? -1.474  11.573  -10.479 1.00 39.80 ? 21  ALA B N   1 
ATOM   458 C CA  . ALA B 2 7  ? -0.916  10.228  -10.574 1.00 38.14 ? 21  ALA B CA  1 
ATOM   459 C C   . ALA B 2 7  ? -0.509  9.726   -9.194  1.00 36.44 ? 21  ALA B C   1 
ATOM   460 O O   . ALA B 2 7  ? -0.456  8.518   -8.951  1.00 35.90 ? 21  ALA B O   1 
ATOM   461 C CB  . ALA B 2 7  ? 0.288   10.224  -11.507 1.00 38.34 ? 21  ALA B CB  1 
ATOM   462 N N   . THR B 2 8  ? -0.226  10.663  -8.296  1.00 33.79 ? 22  THR B N   1 
ATOM   463 C CA  . THR B 2 8  ? 0.173   10.326  -6.937  1.00 32.35 ? 22  THR B CA  1 
ATOM   464 C C   . THR B 2 8  ? -0.981  9.640   -6.209  1.00 28.50 ? 22  THR B C   1 
ATOM   465 O O   . THR B 2 8  ? -2.113  10.109  -6.249  1.00 27.32 ? 22  THR B O   1 
ATOM   466 C CB  . THR B 2 8  ? 0.578   11.585  -6.155  1.00 33.72 ? 22  THR B CB  1 
ATOM   467 O OG1 . THR B 2 8  ? 1.595   12.288  -6.879  1.00 36.54 ? 22  THR B OG1 1 
ATOM   468 C CG2 . THR B 2 8  ? 1.113   11.210  -4.781  1.00 34.18 ? 22  THR B CG2 1 
ATOM   469 N N   . LYS B 2 9  ? -0.681  8.524   -5.549  1.00 25.36 ? 23  LYS B N   1 
ATOM   470 C CA  . LYS B 2 9  ? -1.684  7.762   -4.812  1.00 20.83 ? 23  LYS B CA  1 
ATOM   471 C C   . LYS B 2 9  ? -1.271  7.653   -3.347  1.00 20.16 ? 23  LYS B C   1 
ATOM   472 O O   . LYS B 2 9  ? -0.294  6.991   -3.016  1.00 19.96 ? 23  LYS B O   1 
ATOM   473 C CB  . LYS B 2 9  ? -1.815  6.368   -5.417  1.00 20.04 ? 23  LYS B CB  1 
ATOM   474 C CG  . LYS B 2 9  ? -2.119  6.361   -6.898  1.00 20.13 ? 23  LYS B CG  1 
ATOM   475 C CD  . LYS B 2 9  ? -2.000  4.960   -7.463  1.00 24.21 ? 23  LYS B CD  1 
ATOM   476 C CE  . LYS B 2 9  ? -2.035  4.973   -8.983  1.00 27.41 ? 23  LYS B CE  1 
ATOM   477 N NZ  . LYS B 2 9  ? -0.867  5.727   -9.534  1.00 29.14 ? 23  LYS B NZ  1 
ATOM   478 N N   . ALA B 2 10 ? -2.029  8.292   -2.468  1.00 18.80 ? 24  ALA B N   1 
ATOM   479 C CA  . ALA B 2 10 ? -1.716  8.289   -1.046  1.00 16.37 ? 24  ALA B CA  1 
ATOM   480 C C   . ALA B 2 10 ? -2.041  6.983   -0.322  1.00 16.61 ? 24  ALA B C   1 
ATOM   481 O O   . ALA B 2 10 ? -2.987  6.277   -0.662  1.00 16.92 ? 24  ALA B O   1 
ATOM   482 C CB  . ALA B 2 10 ? -2.446  9.445   -0.365  1.00 18.69 ? 24  ALA B CB  1 
ATOM   483 N N   . ALA B 2 11 ? -1.242  6.690   0.696   1.00 15.20 ? 25  ALA B N   1 
ATOM   484 C CA  . ALA B 2 11 ? -1.430  5.509   1.522   1.00 15.85 ? 25  ALA B CA  1 
ATOM   485 C C   . ALA B 2 11 ? -0.758  5.799   2.861   1.00 15.82 ? 25  ALA B C   1 
ATOM   486 O O   . ALA B 2 11 ? 0.219   6.545   2.934   1.00 16.64 ? 25  ALA B O   1 
ATOM   487 C CB  . ALA B 2 11 ? -0.807  4.286   0.850   1.00 13.74 ? 25  ALA B CB  1 
ATOM   488 N N   . ARG B 2 12 ? -1.299  5.221   3.923   1.00 16.97 ? 26  ARG B N   1 
ATOM   489 C CA  . ARG B 2 12 ? -0.763  5.420   5.260   1.00 20.12 ? 26  ARG B CA  1 
ATOM   490 C C   . ARG B 2 12 ? 0.260   4.329   5.586   1.00 20.30 ? 26  ARG B C   1 
ATOM   491 O O   . ARG B 2 12 ? 0.065   3.167   5.232   1.00 19.38 ? 26  ARG B O   1 
ATOM   492 C CB  . ARG B 2 12 ? -1.918  5.373   6.264   1.00 22.48 ? 26  ARG B CB  1 
ATOM   493 C CG  . ARG B 2 12 ? -1.644  6.018   7.602   1.00 29.26 ? 26  ARG B CG  1 
ATOM   494 C CD  . ARG B 2 12 ? -2.865  5.927   8.512   1.00 30.60 ? 26  ARG B CD  1 
ATOM   495 N NE  . ARG B 2 12 ? -4.015  6.662   7.993   1.00 35.38 ? 26  ARG B NE  1 
ATOM   496 C CZ  . ARG B 2 12 ? -4.099  7.987   7.942   1.00 36.74 ? 26  ARG B CZ  1 
ATOM   497 N NH1 . ARG B 2 12 ? -3.093  8.734   8.377   1.00 38.55 ? 26  ARG B NH1 1 
ATOM   498 N NH2 . ARG B 2 12 ? -5.193  8.567   7.467   1.00 37.42 ? 26  ARG B NH2 1 
HETATM 499 N N   . M3L B 2 13 ? 1.352   4.704   6.249   1.00 21.33 ? 27  M3L B N   1 
HETATM 500 C CA  . M3L B 2 13 ? 2.372   3.726   6.627   1.00 22.41 ? 27  M3L B CA  1 
HETATM 501 C CB  . M3L B 2 13 ? 3.775   4.231   6.279   1.00 21.94 ? 27  M3L B CB  1 
HETATM 502 C CG  . M3L B 2 13 ? 4.813   3.106   6.216   1.00 24.12 ? 27  M3L B CG  1 
HETATM 503 C CD  . M3L B 2 13 ? 6.254   3.602   6.095   1.00 26.88 ? 27  M3L B CD  1 
HETATM 504 C CE  . M3L B 2 13 ? 6.462   4.480   4.867   1.00 25.44 ? 27  M3L B CE  1 
HETATM 505 N NZ  . M3L B 2 13 ? 7.909   4.500   4.444   1.00 26.91 ? 27  M3L B NZ  1 
HETATM 506 C C   . M3L B 2 13 ? 2.277   3.475   8.131   1.00 24.15 ? 27  M3L B C   1 
HETATM 507 O O   . M3L B 2 13 ? 2.571   4.358   8.936   1.00 25.89 ? 27  M3L B O   1 
HETATM 508 C CM1 . M3L B 2 13 ? 8.010   4.964   3.033   1.00 25.33 ? 27  M3L B CM1 1 
HETATM 509 C CM2 . M3L B 2 13 ? 8.656   3.213   4.464   1.00 25.78 ? 27  M3L B CM2 1 
HETATM 510 C CM3 . M3L B 2 13 ? 8.666   5.466   5.296   1.00 25.83 ? 27  M3L B CM3 1 
ATOM   511 N N   . SER B 2 14 ? 1.873   2.262   8.498   1.00 25.14 ? 28  SER B N   1 
ATOM   512 C CA  . SER B 2 14 ? 1.712   1.876   9.898   1.00 27.23 ? 28  SER B CA  1 
ATOM   513 C C   . SER B 2 14 ? 3.034   1.625   10.624  1.00 27.40 ? 28  SER B C   1 
ATOM   514 O O   . SER B 2 14 ? 4.113   1.832   10.071  1.00 29.66 ? 28  SER B O   1 
ATOM   515 C CB  . SER B 2 14 ? 0.834   0.624   9.993   1.00 26.31 ? 28  SER B CB  1 
ATOM   516 O OG  . SER B 2 14 ? 1.417   -0.467  9.300   1.00 29.06 ? 28  SER B OG  1 
HETATM 517 O O   . HOH C 3 .  ? 2.418   8.694   14.658  1.00 72.85 ? 78  HOH A O   1 
HETATM 518 O O   . HOH C 3 .  ? -6.457  -5.212  -11.018 1.00 43.33 ? 79  HOH A O   1 
HETATM 519 O O   . HOH C 3 .  ? -7.597  -6.421  -12.898 1.00 77.36 ? 80  HOH A O   1 
HETATM 520 O O   . HOH C 3 .  ? 2.465   1.447   13.909  1.00 74.46 ? 81  HOH A O   1 
HETATM 521 O O   . HOH C 3 .  ? -1.160  -11.872 9.798   1.00 88.89 ? 82  HOH A O   1 
HETATM 522 O O   . HOH C 3 .  ? 1.672   -13.296 9.125   1.00 48.83 ? 83  HOH A O   1 
HETATM 523 O O   . HOH C 3 .  ? 19.435  -1.907  -2.018  1.00 69.34 ? 84  HOH A O   1 
HETATM 524 O O   . HOH C 3 .  ? 3.628   12.636  1.658   1.00 66.76 ? 85  HOH A O   1 
HETATM 525 O O   . HOH C 3 .  ? 2.538   12.480  -0.685  1.00 71.96 ? 86  HOH A O   1 
HETATM 526 O O   . HOH C 3 .  ? 8.549   -6.431  -0.773  1.00 12.23 ? 87  HOH A O   1 
HETATM 527 O O   . HOH C 3 .  ? 7.557   11.620  -7.602  1.00 94.28 ? 88  HOH A O   1 
HETATM 528 O O   . HOH C 3 .  ? 2.896   9.306   -9.830  1.00 86.93 ? 89  HOH A O   1 
HETATM 529 O O   . HOH C 3 .  ? 3.545   3.765   14.080  1.00 43.08 ? 90  HOH A O   1 
HETATM 530 O O   . HOH C 3 .  ? -3.369  -11.955 11.752  1.00 69.58 ? 91  HOH A O   1 
HETATM 531 O O   . HOH C 3 .  ? -10.041 -4.962  5.281   1.00 48.24 ? 92  HOH A O   1 
HETATM 532 O O   . HOH C 3 .  ? -4.446  -9.124  -12.527 1.00 69.24 ? 93  HOH A O   1 
HETATM 533 O O   . HOH C 3 .  ? -3.314  -11.398 -12.165 1.00 68.17 ? 94  HOH A O   1 
HETATM 534 O O   . HOH C 3 .  ? -5.804  -10.830 -8.481  1.00 70.35 ? 95  HOH A O   1 
HETATM 535 O O   . HOH C 3 .  ? -4.235  -10.046 -10.231 1.00 45.26 ? 96  HOH A O   1 
HETATM 536 O O   . HOH C 3 .  ? 9.233   0.995   -0.764  1.00 14.68 ? 97  HOH A O   1 
HETATM 537 O O   . HOH C 3 .  ? 15.483  4.753   -1.212  1.00 17.82 ? 98  HOH A O   1 
HETATM 538 O O   . HOH C 3 .  ? 0.425   -2.341  -8.865  1.00 46.90 ? 99  HOH A O   1 
HETATM 539 O O   . HOH C 3 .  ? -0.974  -0.873  -7.266  1.00 15.52 ? 100 HOH A O   1 
HETATM 540 O O   . HOH C 3 .  ? 8.820   -3.394  -5.229  1.00 13.72 ? 101 HOH A O   1 
HETATM 541 O O   . HOH C 3 .  ? 5.942   -4.608  7.097   1.00 26.32 ? 102 HOH A O   1 
HETATM 542 O O   . HOH C 3 .  ? 10.844  -5.801  0.548   1.00 25.55 ? 103 HOH A O   1 
HETATM 543 O O   . HOH C 3 .  ? -0.267  1.505   -8.747  1.00 20.54 ? 104 HOH A O   1 
HETATM 544 O O   . HOH C 3 .  ? -3.257  -14.773 1.854   1.00 35.15 ? 105 HOH A O   1 
HETATM 545 O O   . HOH C 3 .  ? 4.612   0.161   7.876   1.00 21.09 ? 106 HOH A O   1 
HETATM 546 O O   . HOH C 3 .  ? 0.571   1.739   -11.184 1.00 33.99 ? 107 HOH A O   1 
HETATM 547 O O   . HOH C 3 .  ? 2.031   7.690   -5.860  1.00 26.95 ? 108 HOH A O   1 
HETATM 548 O O   . HOH C 3 .  ? 11.304  -8.910  -1.772  1.00 25.63 ? 109 HOH A O   1 
HETATM 549 O O   . HOH C 3 .  ? -3.262  -11.656 -4.501  1.00 35.90 ? 110 HOH A O   1 
HETATM 550 O O   . HOH C 3 .  ? 6.617   7.767   -0.730  1.00 22.35 ? 111 HOH A O   1 
HETATM 551 O O   . HOH C 3 .  ? 2.485   -8.141  -8.465  1.00 36.20 ? 112 HOH A O   1 
HETATM 552 O O   . HOH C 3 .  ? 8.763   10.226  1.023   1.00 39.33 ? 113 HOH A O   1 
HETATM 553 O O   . HOH C 3 .  ? -7.694  -2.609  7.658   1.00 32.37 ? 114 HOH A O   1 
HETATM 554 O O   . HOH C 3 .  ? 16.239  -2.161  -6.491  1.00 39.17 ? 115 HOH A O   1 
HETATM 555 O O   . HOH C 3 .  ? 14.933  -0.865  -4.780  1.00 52.47 ? 116 HOH A O   1 
HETATM 556 O O   . HOH C 3 .  ? -3.309  -14.359 16.541  1.00 53.48 ? 117 HOH A O   1 
HETATM 557 O O   . HOH C 3 .  ? -5.272  -16.975 5.744   1.00 32.90 ? 118 HOH A O   1 
HETATM 558 O O   . HOH C 3 .  ? 13.471  5.238   -5.447  1.00 45.29 ? 119 HOH A O   1 
HETATM 559 O O   . HOH C 3 .  ? -1.959  -4.403  -12.770 1.00 62.09 ? 120 HOH A O   1 
HETATM 560 O O   . HOH C 3 .  ? 12.518  2.931   -6.278  1.00 44.67 ? 121 HOH A O   1 
HETATM 561 O O   . HOH C 3 .  ? 0.043   -4.041  -10.864 1.00 39.86 ? 122 HOH A O   1 
HETATM 562 O O   . HOH C 3 .  ? 5.469   11.909  3.401   1.00 46.52 ? 123 HOH A O   1 
HETATM 563 O O   . HOH C 3 .  ? -10.256 -10.610 12.078  1.00 36.55 ? 124 HOH A O   1 
HETATM 564 O O   . HOH C 3 .  ? 4.314   12.474  5.732   1.00 63.80 ? 125 HOH A O   1 
HETATM 565 O O   . HOH C 3 .  ? -5.183  -15.203 17.720  1.00 38.05 ? 126 HOH A O   1 
HETATM 566 O O   . HOH C 3 .  ? -5.601  7.435   -12.439 1.00 36.42 ? 127 HOH A O   1 
HETATM 567 O O   . HOH C 3 .  ? 9.032   5.430   -7.275  1.00 43.49 ? 128 HOH A O   1 
HETATM 568 O O   . HOH C 3 .  ? 5.846   -12.263 0.868   1.00 43.70 ? 129 HOH A O   1 
HETATM 569 O O   . HOH C 3 .  ? -3.353  -19.270 15.378  1.00 54.54 ? 130 HOH A O   1 
HETATM 570 O O   . HOH C 3 .  ? 14.173  -5.895  -0.805  1.00 65.27 ? 131 HOH A O   1 
HETATM 571 O O   . HOH C 3 .  ? 10.533  0.059   5.241   1.00 27.90 ? 132 HOH A O   1 
HETATM 572 O O   . HOH C 3 .  ? 6.749   -10.595 3.885   1.00 40.70 ? 133 HOH A O   1 
HETATM 573 O O   . HOH C 3 .  ? -8.480  -6.460  7.685   1.00 36.44 ? 134 HOH A O   1 
HETATM 574 O O   . HOH C 3 .  ? 5.680   10.272  -0.011  1.00 32.24 ? 135 HOH A O   1 
HETATM 575 O O   . HOH C 3 .  ? -7.811  -7.113  -3.296  1.00 39.49 ? 136 HOH A O   1 
HETATM 576 O O   . HOH C 3 .  ? -5.935  -5.229  8.181   1.00 41.39 ? 137 HOH A O   1 
HETATM 577 O O   . HOH C 3 .  ? 0.691   12.548  7.274   1.00 38.42 ? 138 HOH A O   1 
HETATM 578 O O   . HOH C 3 .  ? -2.077  -8.543  -12.893 1.00 47.45 ? 139 HOH A O   1 
HETATM 579 O O   . HOH C 3 .  ? -7.465  -11.694 13.770  1.00 40.72 ? 140 HOH A O   1 
HETATM 580 O O   . HOH C 3 .  ? -9.070  1.791   -0.939  1.00 54.32 ? 141 HOH A O   1 
HETATM 581 O O   . HOH C 3 .  ? -7.941  -3.301  -13.055 1.00 47.89 ? 142 HOH A O   1 
HETATM 582 O O   . HOH C 3 .  ? 11.257  -4.605  3.965   1.00 52.49 ? 143 HOH A O   1 
HETATM 583 O O   . HOH C 3 .  ? -6.325  -12.911 16.369  1.00 29.72 ? 144 HOH A O   1 
HETATM 584 O O   . HOH C 3 .  ? 6.051   0.650   13.873  1.00 63.88 ? 145 HOH A O   1 
HETATM 585 O O   . HOH C 3 .  ? 13.224  0.050   -6.092  1.00 41.85 ? 146 HOH A O   1 
HETATM 586 O O   . HOH C 3 .  ? -5.335  -1.753  -14.378 1.00 51.54 ? 147 HOH A O   1 
HETATM 587 O O   . HOH C 3 .  ? 11.341  6.720   8.170   1.00 48.92 ? 148 HOH A O   1 
HETATM 588 O O   . HOH C 3 .  ? -5.654  -7.247  -14.359 1.00 46.54 ? 149 HOH A O   1 
HETATM 589 O O   . HOH C 3 .  ? 9.816   11.818  4.764   1.00 65.16 ? 150 HOH A O   1 
HETATM 590 O O   . HOH C 3 .  ? -1.498  -8.031  -9.346  1.00 43.88 ? 151 HOH A O   1 
HETATM 591 O O   . HOH C 3 .  ? 8.055   -2.681  -7.415  1.00 40.95 ? 152 HOH A O   1 
HETATM 592 O O   . HOH C 3 .  ? -1.643  -6.544  -11.614 1.00 52.93 ? 153 HOH A O   1 
HETATM 593 O O   . HOH C 3 .  ? -8.969  -6.119  10.214  1.00 66.20 ? 154 HOH A O   1 
HETATM 594 O O   . HOH C 3 .  ? 9.830   2.696   7.227   1.00 36.48 ? 155 HOH A O   1 
HETATM 595 O O   . HOH C 3 .  ? -2.380  -5.082  9.942   1.00 55.77 ? 156 HOH A O   1 
HETATM 596 O O   . HOH C 3 .  ? 4.497   -4.234  -10.660 1.00 54.04 ? 157 HOH A O   1 
HETATM 597 O O   . HOH C 3 .  ? 16.889  -3.488  -1.994  1.00 56.85 ? 158 HOH A O   1 
HETATM 598 O O   . HOH C 3 .  ? 2.871   -15.294 7.363   1.00 41.47 ? 159 HOH A O   1 
HETATM 599 O O   . HOH C 3 .  ? -11.331 -11.031 4.880   1.00 38.27 ? 160 HOH A O   1 
HETATM 600 O O   . HOH C 3 .  ? -2.137  -9.486  10.242  1.00 54.05 ? 161 HOH A O   1 
HETATM 601 O O   . HOH C 3 .  ? -7.706  -14.521 17.453  1.00 35.23 ? 162 HOH A O   1 
HETATM 602 O O   . HOH C 3 .  ? -9.726  -4.172  -10.534 1.00 46.85 ? 163 HOH A O   1 
HETATM 603 O O   . HOH C 3 .  ? -10.757 -11.840 2.553   1.00 48.13 ? 164 HOH A O   1 
HETATM 604 O O   . HOH C 3 .  ? -2.483  -13.356 -2.471  1.00 46.84 ? 165 HOH A O   1 
HETATM 605 O O   . HOH C 3 .  ? -0.021  -4.672  8.261   1.00 43.96 ? 166 HOH A O   1 
HETATM 606 O O   . HOH C 3 .  ? -9.483  2.934   -10.173 1.00 53.98 ? 167 HOH A O   1 
HETATM 607 O O   . HOH C 3 .  ? -6.619  3.709   -11.785 1.00 41.49 ? 168 HOH A O   1 
HETATM 608 O O   . HOH C 3 .  ? 12.145  -0.724  -8.098  1.00 44.56 ? 169 HOH A O   1 
HETATM 609 O O   . HOH C 3 .  ? -14.846 2.905   -3.239  1.00 58.68 ? 170 HOH A O   1 
HETATM 610 O O   . HOH C 3 .  ? 7.959   -1.138  -11.703 1.00 54.55 ? 171 HOH A O   1 
HETATM 611 O O   . HOH C 3 .  ? 8.079   10.521  -2.744  1.00 56.38 ? 172 HOH A O   1 
HETATM 612 O O   . HOH C 3 .  ? 3.793   -0.478  13.056  1.00 66.92 ? 173 HOH A O   1 
HETATM 613 O O   . HOH C 3 .  ? -10.451 -8.527  -0.166  1.00 43.15 ? 174 HOH A O   1 
HETATM 614 O O   . HOH C 3 .  ? 4.081   -0.303  -11.883 1.00 41.73 ? 175 HOH A O   1 
HETATM 615 O O   . HOH C 3 .  ? -5.957  -4.654  -13.264 1.00 34.15 ? 176 HOH A O   1 
HETATM 616 O O   . HOH C 3 .  ? -6.880  -7.885  15.506  1.00 42.30 ? 177 HOH A O   1 
HETATM 617 O O   . HOH C 3 .  ? 3.673   -13.351 3.739   1.00 62.85 ? 178 HOH A O   1 
HETATM 618 O O   . HOH C 3 .  ? -11.494 -2.107  -3.335  1.00 41.59 ? 179 HOH A O   1 
HETATM 619 O O   . HOH C 3 .  ? -10.895 -2.403  -5.892  1.00 42.13 ? 180 HOH A O   1 
HETATM 620 O O   . HOH C 3 .  ? 10.141  1.141   -8.942  1.00 54.44 ? 181 HOH A O   1 
HETATM 621 O O   . HOH C 3 .  ? 1.404   -0.437  -12.032 1.00 61.71 ? 182 HOH A O   1 
HETATM 622 O O   . HOH C 3 .  ? -7.258  -0.485  -13.169 1.00 65.57 ? 183 HOH A O   1 
HETATM 623 O O   . HOH C 3 .  ? 10.092  -1.678  -8.979  1.00 63.55 ? 184 HOH A O   1 
HETATM 624 O O   . HOH C 3 .  ? -11.344 -7.786  9.700   1.00 67.55 ? 185 HOH A O   1 
HETATM 625 O O   . HOH C 3 .  ? -9.696  -14.065 2.086   1.00 52.08 ? 186 HOH A O   1 
HETATM 626 O O   . HOH C 3 .  ? 20.683  3.127   2.966   1.00 41.76 ? 187 HOH A O   1 
HETATM 627 O O   . HOH C 3 .  ? 8.006   -0.359  -9.038  1.00 46.53 ? 188 HOH A O   1 
HETATM 628 O O   . HOH C 3 .  ? -9.723  -1.220  -12.749 1.00 63.30 ? 189 HOH A O   1 
HETATM 629 O O   . HOH C 3 .  ? -11.304 1.060   -11.887 1.00 56.14 ? 190 HOH A O   1 
HETATM 630 O O   . HOH C 3 .  ? 0.259   -16.745 12.858  1.00 64.12 ? 191 HOH A O   1 
HETATM 631 O O   . HOH C 3 .  ? 3.985   -2.937  8.570   1.00 46.09 ? 192 HOH A O   1 
HETATM 632 O O   . HOH C 3 .  ? 7.693   -14.353 7.351   1.00 55.69 ? 193 HOH A O   1 
HETATM 633 O O   . HOH C 3 .  ? 15.076  -6.754  1.507   1.00 60.45 ? 194 HOH A O   1 
HETATM 634 O O   . HOH C 3 .  ? -0.793  3.580   -12.702 1.00 59.26 ? 195 HOH A O   1 
HETATM 635 O O   . HOH C 3 .  ? -1.530  14.005  6.379   1.00 69.77 ? 196 HOH A O   1 
HETATM 636 O O   . HOH C 3 .  ? -11.100 -5.351  -2.450  1.00 57.83 ? 197 HOH A O   1 
HETATM 637 O O   . HOH C 3 .  ? 3.228   -14.659 11.248  1.00 52.33 ? 198 HOH A O   1 
HETATM 638 O O   . HOH C 3 .  ? 18.422  4.115   0.847   1.00 44.96 ? 199 HOH A O   1 
HETATM 639 O O   . HOH C 3 .  ? 11.235  5.027   -6.622  1.00 62.10 ? 200 HOH A O   1 
HETATM 640 O O   . HOH C 3 .  ? -4.433  9.784   -3.268  1.00 29.17 ? 201 HOH A O   1 
HETATM 641 O O   . HOH C 3 .  ? -9.826  2.945   1.220   1.00 69.30 ? 202 HOH A O   1 
HETATM 642 O O   . HOH C 3 .  ? 20.070  2.107   -2.652  1.00 58.95 ? 203 HOH A O   1 
HETATM 643 O O   . HOH C 3 .  ? 0.600   -9.982  9.785   1.00 48.03 ? 204 HOH A O   1 
HETATM 644 O O   . HOH C 3 .  ? 19.903  4.498   -3.629  1.00 73.84 ? 205 HOH A O   1 
HETATM 645 O O   . HOH C 3 .  ? 11.378  4.024   -9.008  1.00 71.17 ? 206 HOH A O   1 
HETATM 646 O O   . HOH C 3 .  ? -5.466  -17.700 10.613  1.00 75.67 ? 207 HOH A O   1 
HETATM 647 O O   . HOH C 3 .  ? 0.460   -8.230  -11.047 1.00 54.90 ? 208 HOH A O   1 
HETATM 648 O O   . HOH C 3 .  ? 5.938   -6.868  8.408   1.00 45.20 ? 209 HOH A O   1 
HETATM 649 O O   . HOH C 3 .  ? 16.288  -3.411  -4.423  1.00 56.49 ? 210 HOH A O   1 
HETATM 650 O O   . HOH C 3 .  ? -1.436  -17.781 14.678  1.00 45.04 ? 211 HOH A O   1 
HETATM 651 O O   . HOH C 3 .  ? -4.469  -6.661  -12.298 1.00 55.29 ? 212 HOH A O   1 
HETATM 652 O O   . HOH C 3 .  ? 2.078   -6.956  9.166   1.00 54.48 ? 213 HOH A O   1 
HETATM 653 O O   . HOH C 3 .  ? 10.380  -4.341  -8.241  1.00 21.08 ? 214 HOH A O   1 
HETATM 654 O O   . HOH C 3 .  ? 8.808   7.502   -8.706  1.00 68.83 ? 215 HOH A O   1 
HETATM 655 O O   . HOH C 3 .  ? 12.857  -6.119  2.674   1.00 50.96 ? 216 HOH A O   1 
HETATM 656 O O   . HOH C 3 .  ? -5.484  -16.485 2.170   1.00 46.72 ? 217 HOH A O   1 
HETATM 657 O O   . HOH C 3 .  ? -0.928  -4.015  -8.234  1.00 47.94 ? 218 HOH A O   1 
HETATM 658 O O   . HOH C 3 .  ? -0.808  -11.436 -5.148  1.00 71.90 ? 219 HOH A O   1 
HETATM 659 O O   . HOH C 3 .  ? 2.185   -2.577  -10.841 1.00 59.30 ? 220 HOH A O   1 
HETATM 660 O O   . HOH C 3 .  ? -10.718 -1.498  0.205   1.00 57.77 ? 221 HOH A O   1 
HETATM 661 O O   . HOH C 3 .  ? -0.011  2.175   13.596  1.00 64.39 ? 222 HOH A O   1 
HETATM 662 O O   . HOH C 3 .  ? -8.783  0.440   1.467   1.00 62.05 ? 223 HOH A O   1 
HETATM 663 O O   . HOH C 3 .  ? 3.900   7.186   9.511   1.00 59.99 ? 224 HOH A O   1 
HETATM 664 O O   . HOH C 3 .  ? 0.552   -17.451 8.343   1.00 85.68 ? 225 HOH A O   1 
HETATM 665 O O   . HOH C 3 .  ? 10.566  -1.961  -6.460  1.00 92.97 ? 226 HOH A O   1 
HETATM 666 O O   . HOH C 3 .  ? -5.607  -4.205  10.709  1.00 46.01 ? 227 HOH A O   1 
HETATM 667 O O   . HOH C 3 .  ? -4.345  2.130   10.561  1.00 45.08 ? 228 HOH A O   1 
HETATM 668 O O   . HOH C 3 .  ? -10.484 -6.512  -11.745 1.00 50.15 ? 229 HOH A O   1 
HETATM 669 O O   . HOH C 3 .  ? -5.842  -6.258  13.011  1.00 54.51 ? 230 HOH A O   1 
HETATM 670 O O   . HOH C 3 .  ? -2.455  -10.403 7.476   1.00 37.25 ? 231 HOH A O   1 
HETATM 671 O O   . HOH C 3 .  ? 13.424  6.543   -8.134  1.00 69.69 ? 232 HOH A O   1 
HETATM 672 O O   . HOH C 3 .  ? 9.146   0.377   7.156   1.00 56.66 ? 233 HOH A O   1 
HETATM 673 O O   . HOH C 3 .  ? 0.111   11.473  -1.027  1.00 55.48 ? 234 HOH A O   1 
HETATM 674 O O   . HOH C 3 .  ? 5.282   1.874   -10.758 1.00 54.72 ? 235 HOH A O   1 
HETATM 675 O O   . HOH C 3 .  ? -1.818  11.709  8.669   1.00 58.12 ? 236 HOH A O   1 
HETATM 676 O O   . HOH C 3 .  ? -2.373  -10.385 -8.381  1.00 63.23 ? 237 HOH A O   1 
HETATM 677 O O   . HOH C 3 .  ? 6.260   -12.101 6.074   1.00 72.01 ? 238 HOH A O   1 
HETATM 678 O O   . HOH C 3 .  ? 4.069   -8.495  8.830   1.00 45.44 ? 239 HOH A O   1 
HETATM 679 O O   A HOH C 3 .  ? 9.736   -9.549  0.594   0.50 33.88 ? 240 HOH A O   1 
HETATM 680 O O   B HOH C 3 .  ? -10.500 4.432   -0.964  0.50 27.66 ? 241 HOH A O   1 
HETATM 681 O O   . HOH C 3 .  ? 6.641   -4.749  -9.078  1.00 39.11 ? 242 HOH A O   1 
HETATM 682 O O   . HOH C 3 .  ? 2.794   -11.208 10.254  1.00 63.06 ? 243 HOH A O   1 
HETATM 683 O O   . HOH C 3 .  ? -0.317  14.950  4.299   1.00 61.14 ? 244 HOH A O   1 
HETATM 684 O O   . HOH C 3 .  ? 4.183   12.753  -3.182  1.00 72.39 ? 245 HOH A O   1 
HETATM 685 O O   . HOH C 3 .  ? -13.197 3.822   -5.106  1.00 46.12 ? 246 HOH A O   1 
HETATM 686 O O   . HOH C 3 .  ? -13.491 0.500   -10.048 1.00 64.30 ? 247 HOH A O   1 
HETATM 687 O O   . HOH C 3 .  ? 12.155  2.921   7.814   0.50 40.98 ? 248 HOH A O   1 
HETATM 688 O O   . HOH C 3 .  ? 0.413   4.368   12.239  1.00 42.93 ? 249 HOH A O   1 
HETATM 689 O O   . HOH C 3 .  ? -1.468  3.075   10.662  1.00 39.27 ? 250 HOH A O   1 
HETATM 690 O O   . HOH C 3 .  ? -4.277  -13.253 -0.558  1.00 59.70 ? 251 HOH A O   1 
HETATM 691 O O   . HOH D 3 .  ? 2.312   7.227   -8.377  1.00 70.76 ? 33  HOH B O   1 
HETATM 692 O O   . HOH D 3 .  ? 1.712   4.908   -9.284  1.00 39.41 ? 34  HOH B O   1 
HETATM 693 O O   . HOH D 3 .  ? 4.757   6.361   -8.767  1.00 66.43 ? 35  HOH B O   1 
HETATM 694 O O   . HOH D 3 .  ? 7.563   5.274   10.973  1.00 44.76 ? 36  HOH B O   1 
HETATM 695 O O   . HOH D 3 .  ? 2.779   3.611   -11.200 1.00 58.74 ? 37  HOH B O   1 
HETATM 696 O O   . HOH D 3 .  ? 0.215   13.550  -8.754  1.00 42.65 ? 38  HOH B O   1 
HETATM 697 O O   . HOH D 3 .  ? -6.642  4.498   10.201  1.00 62.82 ? 39  HOH B O   1 
HETATM 698 O O   . HOH D 3 .  ? -0.996  14.650  -6.687  1.00 50.80 ? 40  HOH B O   1 
HETATM 699 O O   . HOH D 3 .  ? -4.179  4.833   -12.157 1.00 61.63 ? 41  HOH B O   1 
HETATM 700 O O   . HOH D 3 .  ? 0.641   13.291  -12.072 1.00 64.86 ? 42  HOH B O   1 
HETATM 701 O O   . HOH D 3 .  ? 1.542   -2.921  9.222   1.00 48.45 ? 43  HOH B O   1 
HETATM 702 O O   . HOH D 3 .  ? -2.028  6.379   -11.679 1.00 49.17 ? 44  HOH B O   1 
HETATM 703 O O   . HOH D 3 .  ? 0.828   16.058  -8.789  1.00 54.47 ? 45  HOH B O   1 
HETATM 704 O O   . HOH D 3 .  ? 5.376   5.266   9.158   1.00 61.93 ? 46  HOH B O   1 
HETATM 705 O O   . HOH D 3 .  ? -2.244  10.854  -3.733  1.00 62.45 ? 47  HOH B O   1 
HETATM 706 O O   . HOH D 3 .  ? -6.204  5.006   7.326   1.00 33.82 ? 48  HOH B O   1 
HETATM 707 O O   . HOH D 3 .  ? 1.011   15.678  -11.350 1.00 59.08 ? 49  HOH B O   1 
HETATM 708 O O   . HOH D 3 .  ? -2.990  12.809  -6.567  1.00 55.29 ? 50  HOH B O   1 
HETATM 709 O O   . HOH D 3 .  ? -4.550  11.878  7.222   1.00 71.21 ? 51  HOH B O   1 
HETATM 710 O O   . HOH D 3 .  ? -3.378  9.309   11.637  1.00 81.21 ? 52  HOH B O   1 
# 
loop_
_pdbx_poly_seq_scheme.asym_id 
_pdbx_poly_seq_scheme.entity_id 
_pdbx_poly_seq_scheme.seq_id 
_pdbx_poly_seq_scheme.mon_id 
_pdbx_poly_seq_scheme.ndb_seq_num 
_pdbx_poly_seq_scheme.pdb_seq_num 
_pdbx_poly_seq_scheme.auth_seq_num 
_pdbx_poly_seq_scheme.pdb_mon_id 
_pdbx_poly_seq_scheme.auth_mon_id 
_pdbx_poly_seq_scheme.pdb_strand_id 
_pdbx_poly_seq_scheme.pdb_ins_code 
_pdbx_poly_seq_scheme.hetero 
A 1 1  MET 1  6  ?  ?   ?   A . n 
A 1 2  LYS 2  7  ?  ?   ?   A . n 
A 1 3  LYS 3  8  ?  ?   ?   A . n 
A 1 4  HIS 4  9  ?  ?   ?   A . n 
A 1 5  HIS 5  10 ?  ?   ?   A . n 
A 1 6  HIS 6  11 ?  ?   ?   A . n 
A 1 7  HIS 7  12 ?  ?   ?   A . n 
A 1 8  HIS 8  13 ?  ?   ?   A . n 
A 1 9  HIS 9  14 ?  ?   ?   A . n 
A 1 10 ASP 10 15 ?  ?   ?   A . n 
A 1 11 ASN 11 16 ?  ?   ?   A . n 
A 1 12 ALA 12 17 ?  ?   ?   A . n 
A 1 13 THR 13 18 ?  ?   ?   A . n 
A 1 14 ASP 14 19 ?  ?   ?   A . n 
A 1 15 ASP 15 20 ?  ?   ?   A . n 
A 1 16 PRO 16 21 ?  ?   ?   A . n 
A 1 17 VAL 17 22 ?  ?   ?   A . n 
A 1 18 ASP 18 23 23 ASP ASP A . n 
A 1 19 LEU 19 24 24 LEU LEU A . n 
A 1 20 VAL 20 25 25 VAL VAL A . n 
A 1 21 TYR 21 26 26 TYR TYR A . n 
A 1 22 ALA 22 27 27 ALA ALA A . n 
A 1 23 ALA 23 28 28 ALA ALA A . n 
A 1 24 GLU 24 29 29 GLU GLU A . n 
A 1 25 LYS 25 30 30 LYS LYS A . n 
A 1 26 ILE 26 31 31 ILE ILE A . n 
A 1 27 ILE 27 32 32 ILE ILE A . n 
A 1 28 GLN 28 33 33 GLN GLN A . n 
A 1 29 LYS 29 34 34 LYS LYS A . n 
A 1 30 ARG 30 35 35 ARG ARG A . n 
A 1 31 VAL 31 36 36 VAL VAL A . n 
A 1 32 LYS 32 37 37 LYS LYS A . n 
A 1 33 LYS 33 38 38 LYS LYS A . n 
A 1 34 GLY 34 39 39 GLY GLY A . n 
A 1 35 VAL 35 40 40 VAL VAL A . n 
A 1 36 VAL 36 41 41 VAL VAL A . n 
A 1 37 GLU 37 42 42 GLU GLU A . n 
A 1 38 TYR 38 43 43 TYR TYR A . n 
A 1 39 ARG 39 44 44 ARG ARG A . n 
A 1 40 VAL 40 45 45 VAL VAL A . n 
A 1 41 LYS 41 46 46 LYS LYS A . n 
A 1 42 TRP 42 47 47 TRP TRP A . n 
A 1 43 LYS 43 48 48 LYS LYS A . n 
A 1 44 GLY 44 49 49 GLY GLY A . n 
A 1 45 TRP 45 50 50 TRP TRP A . n 
A 1 46 ASN 46 51 51 ASN ASN A . n 
A 1 47 GLN 47 52 52 GLN GLN A . n 
A 1 48 ARG 48 53 53 ARG ARG A . n 
A 1 49 TYR 49 54 54 TYR TYR A . n 
A 1 50 ASN 50 55 55 ASN ASN A . n 
A 1 51 THR 51 56 56 THR THR A . n 
A 1 52 TRP 52 57 57 TRP TRP A . n 
A 1 53 GLU 53 58 58 GLU GLU A . n 
A 1 54 PRO 54 59 59 PRO PRO A . n 
A 1 55 GLU 55 60 60 GLU GLU A . n 
A 1 56 VAL 56 61 61 VAL VAL A . n 
A 1 57 ASN 57 62 62 ASN ASN A . n 
A 1 58 ILE 58 63 63 ILE ILE A . n 
A 1 59 LEU 59 64 64 LEU LEU A . n 
A 1 60 ASP 60 65 65 ASP ASP A . n 
A 1 61 ARG 61 66 66 ARG ARG A . n 
A 1 62 ARG 62 67 67 ARG ARG A . n 
A 1 63 LEU 63 68 68 LEU LEU A . n 
A 1 64 ILE 64 69 69 ILE ILE A . n 
A 1 65 ASP 65 70 70 ASP ASP A . n 
A 1 66 ILE 66 71 71 ILE ILE A . n 
A 1 67 TYR 67 72 72 TYR TYR A . n 
A 1 68 GLU 68 73 73 GLU GLU A . n 
A 1 69 GLN 69 74 ?  ?   ?   A . n 
A 1 70 THR 70 75 ?  ?   ?   A . n 
A 1 71 ASN 71 76 ?  ?   ?   A . n 
A 1 72 LYS 72 77 ?  ?   ?   A . n 
B 2 1  ALA 1  15 ?  ?   ?   B . n 
B 2 2  PRO 2  16 ?  ?   ?   B . n 
B 2 3  ARG 3  17 ?  ?   ?   B . n 
B 2 4  LYS 4  18 ?  ?   ?   B . n 
B 2 5  GLN 5  19 ?  ?   ?   B . n 
B 2 6  LEU 6  20 20 LEU LEU B . n 
B 2 7  ALA 7  21 21 ALA ALA B . n 
B 2 8  THR 8  22 22 THR THR B . n 
B 2 9  LYS 9  23 23 LYS LYS B . n 
B 2 10 ALA 10 24 24 ALA ALA B . n 
B 2 11 ALA 11 25 25 ALA ALA B . n 
B 2 12 ARG 12 26 26 ARG ARG B . n 
B 2 13 M3L 13 27 27 M3L M3L B . n 
B 2 14 SER 14 28 28 SER SER B . n 
B 2 15 ALA 15 29 ?  ?   ?   B . n 
B 2 16 PRO 16 30 ?  ?   ?   B . n 
B 2 17 SER 17 31 ?  ?   ?   B . n 
B 2 18 THR 18 32 ?  ?   ?   B . n 
# 
loop_
_pdbx_nonpoly_scheme.asym_id 
_pdbx_nonpoly_scheme.entity_id 
_pdbx_nonpoly_scheme.mon_id 
_pdbx_nonpoly_scheme.ndb_seq_num 
_pdbx_nonpoly_scheme.pdb_seq_num 
_pdbx_nonpoly_scheme.auth_seq_num 
_pdbx_nonpoly_scheme.pdb_mon_id 
_pdbx_nonpoly_scheme.auth_mon_id 
_pdbx_nonpoly_scheme.pdb_strand_id 
_pdbx_nonpoly_scheme.pdb_ins_code 
C 3 HOH 1   78  1   HOH HOH A . 
C 3 HOH 2   79  4   HOH HOH A . 
C 3 HOH 3   80  5   HOH HOH A . 
C 3 HOH 4   81  10  HOH HOH A . 
C 3 HOH 5   82  12  HOH HOH A . 
C 3 HOH 6   83  13  HOH HOH A . 
C 3 HOH 7   84  19  HOH HOH A . 
C 3 HOH 8   85  23  HOH HOH A . 
C 3 HOH 9   86  24  HOH HOH A . 
C 3 HOH 10  87  27  HOH HOH A . 
C 3 HOH 11  88  28  HOH HOH A . 
C 3 HOH 12  89  29  HOH HOH A . 
C 3 HOH 13  90  31  HOH HOH A . 
C 3 HOH 14  91  32  HOH HOH A . 
C 3 HOH 15  92  33  HOH HOH A . 
C 3 HOH 16  93  34  HOH HOH A . 
C 3 HOH 17  94  35  HOH HOH A . 
C 3 HOH 18  95  36  HOH HOH A . 
C 3 HOH 19  96  37  HOH HOH A . 
C 3 HOH 20  97  38  HOH HOH A . 
C 3 HOH 21  98  39  HOH HOH A . 
C 3 HOH 22  99  40  HOH HOH A . 
C 3 HOH 23  100 41  HOH HOH A . 
C 3 HOH 24  101 42  HOH HOH A . 
C 3 HOH 25  102 43  HOH HOH A . 
C 3 HOH 26  103 44  HOH HOH A . 
C 3 HOH 27  104 45  HOH HOH A . 
C 3 HOH 28  105 46  HOH HOH A . 
C 3 HOH 29  106 47  HOH HOH A . 
C 3 HOH 30  107 48  HOH HOH A . 
C 3 HOH 31  108 49  HOH HOH A . 
C 3 HOH 32  109 50  HOH HOH A . 
C 3 HOH 33  110 51  HOH HOH A . 
C 3 HOH 34  111 52  HOH HOH A . 
C 3 HOH 35  112 53  HOH HOH A . 
C 3 HOH 36  113 54  HOH HOH A . 
C 3 HOH 37  114 55  HOH HOH A . 
C 3 HOH 38  115 56  HOH HOH A . 
C 3 HOH 39  116 57  HOH HOH A . 
C 3 HOH 40  117 58  HOH HOH A . 
C 3 HOH 41  118 59  HOH HOH A . 
C 3 HOH 42  119 60  HOH HOH A . 
C 3 HOH 43  120 61  HOH HOH A . 
C 3 HOH 44  121 62  HOH HOH A . 
C 3 HOH 45  122 63  HOH HOH A . 
C 3 HOH 46  123 64  HOH HOH A . 
C 3 HOH 47  124 65  HOH HOH A . 
C 3 HOH 48  125 66  HOH HOH A . 
C 3 HOH 49  126 67  HOH HOH A . 
C 3 HOH 50  127 68  HOH HOH A . 
C 3 HOH 51  128 69  HOH HOH A . 
C 3 HOH 52  129 70  HOH HOH A . 
C 3 HOH 53  130 72  HOH HOH A . 
C 3 HOH 54  131 73  HOH HOH A . 
C 3 HOH 55  132 74  HOH HOH A . 
C 3 HOH 56  133 75  HOH HOH A . 
C 3 HOH 57  134 76  HOH HOH A . 
C 3 HOH 58  135 77  HOH HOH A . 
C 3 HOH 59  136 78  HOH HOH A . 
C 3 HOH 60  137 79  HOH HOH A . 
C 3 HOH 61  138 80  HOH HOH A . 
C 3 HOH 62  139 81  HOH HOH A . 
C 3 HOH 63  140 82  HOH HOH A . 
C 3 HOH 64  141 83  HOH HOH A . 
C 3 HOH 65  142 84  HOH HOH A . 
C 3 HOH 66  143 85  HOH HOH A . 
C 3 HOH 67  144 87  HOH HOH A . 
C 3 HOH 68  145 89  HOH HOH A . 
C 3 HOH 69  146 91  HOH HOH A . 
C 3 HOH 70  147 92  HOH HOH A . 
C 3 HOH 71  148 93  HOH HOH A . 
C 3 HOH 72  149 94  HOH HOH A . 
C 3 HOH 73  150 96  HOH HOH A . 
C 3 HOH 74  151 97  HOH HOH A . 
C 3 HOH 75  152 99  HOH HOH A . 
C 3 HOH 76  153 100 HOH HOH A . 
C 3 HOH 77  154 102 HOH HOH A . 
C 3 HOH 78  155 104 HOH HOH A . 
C 3 HOH 79  156 105 HOH HOH A . 
C 3 HOH 80  157 107 HOH HOH A . 
C 3 HOH 81  158 108 HOH HOH A . 
C 3 HOH 82  159 109 HOH HOH A . 
C 3 HOH 83  160 110 HOH HOH A . 
C 3 HOH 84  161 111 HOH HOH A . 
C 3 HOH 85  162 112 HOH HOH A . 
C 3 HOH 86  163 113 HOH HOH A . 
C 3 HOH 87  164 114 HOH HOH A . 
C 3 HOH 88  165 115 HOH HOH A . 
C 3 HOH 89  166 116 HOH HOH A . 
C 3 HOH 90  167 117 HOH HOH A . 
C 3 HOH 91  168 118 HOH HOH A . 
C 3 HOH 92  169 119 HOH HOH A . 
C 3 HOH 93  170 122 HOH HOH A . 
C 3 HOH 94  171 123 HOH HOH A . 
C 3 HOH 95  172 125 HOH HOH A . 
C 3 HOH 96  173 126 HOH HOH A . 
C 3 HOH 97  174 128 HOH HOH A . 
C 3 HOH 98  175 129 HOH HOH A . 
C 3 HOH 99  176 130 HOH HOH A . 
C 3 HOH 100 177 131 HOH HOH A . 
C 3 HOH 101 178 133 HOH HOH A . 
C 3 HOH 102 179 134 HOH HOH A . 
C 3 HOH 103 180 135 HOH HOH A . 
C 3 HOH 104 181 136 HOH HOH A . 
C 3 HOH 105 182 137 HOH HOH A . 
C 3 HOH 106 183 138 HOH HOH A . 
C 3 HOH 107 184 140 HOH HOH A . 
C 3 HOH 108 185 141 HOH HOH A . 
C 3 HOH 109 186 142 HOH HOH A . 
C 3 HOH 110 187 143 HOH HOH A . 
C 3 HOH 111 188 144 HOH HOH A . 
C 3 HOH 112 189 145 HOH HOH A . 
C 3 HOH 113 190 146 HOH HOH A . 
C 3 HOH 114 191 147 HOH HOH A . 
C 3 HOH 115 192 148 HOH HOH A . 
C 3 HOH 116 193 149 HOH HOH A . 
C 3 HOH 117 194 151 HOH HOH A . 
C 3 HOH 118 195 153 HOH HOH A . 
C 3 HOH 119 196 154 HOH HOH A . 
C 3 HOH 120 197 155 HOH HOH A . 
C 3 HOH 121 198 156 HOH HOH A . 
C 3 HOH 122 199 157 HOH HOH A . 
C 3 HOH 123 200 158 HOH HOH A . 
C 3 HOH 124 201 160 HOH HOH A . 
C 3 HOH 125 202 162 HOH HOH A . 
C 3 HOH 126 203 163 HOH HOH A . 
C 3 HOH 127 204 164 HOH HOH A . 
C 3 HOH 128 205 165 HOH HOH A . 
C 3 HOH 129 206 166 HOH HOH A . 
C 3 HOH 130 207 167 HOH HOH A . 
C 3 HOH 131 208 168 HOH HOH A . 
C 3 HOH 132 209 169 HOH HOH A . 
C 3 HOH 133 210 170 HOH HOH A . 
C 3 HOH 134 211 171 HOH HOH A . 
C 3 HOH 135 212 172 HOH HOH A . 
C 3 HOH 136 213 173 HOH HOH A . 
C 3 HOH 137 214 174 HOH HOH A . 
C 3 HOH 138 215 175 HOH HOH A . 
C 3 HOH 139 216 176 HOH HOH A . 
C 3 HOH 140 217 177 HOH HOH A . 
C 3 HOH 141 218 178 HOH HOH A . 
C 3 HOH 142 219 179 HOH HOH A . 
C 3 HOH 143 220 180 HOH HOH A . 
C 3 HOH 144 221 181 HOH HOH A . 
C 3 HOH 145 222 182 HOH HOH A . 
C 3 HOH 146 223 183 HOH HOH A . 
C 3 HOH 147 224 185 HOH HOH A . 
C 3 HOH 148 225 186 HOH HOH A . 
C 3 HOH 149 226 187 HOH HOH A . 
C 3 HOH 150 227 188 HOH HOH A . 
C 3 HOH 151 228 189 HOH HOH A . 
C 3 HOH 152 229 190 HOH HOH A . 
C 3 HOH 153 230 191 HOH HOH A . 
C 3 HOH 154 231 192 HOH HOH A . 
C 3 HOH 155 232 194 HOH HOH A . 
C 3 HOH 156 233 198 HOH HOH A . 
C 3 HOH 157 234 200 HOH HOH A . 
C 3 HOH 158 235 201 HOH HOH A . 
C 3 HOH 159 236 205 HOH HOH A . 
C 3 HOH 160 237 206 HOH HOH A . 
C 3 HOH 161 238 207 HOH HOH A . 
C 3 HOH 162 239 208 HOH HOH A . 
C 3 HOH 163 240 209 HOH HOH A . 
C 3 HOH 164 241 209 HOH HOH A . 
C 3 HOH 165 242 211 HOH HOH A . 
C 3 HOH 166 243 212 HOH HOH A . 
C 3 HOH 167 244 213 HOH HOH A . 
C 3 HOH 168 245 214 HOH HOH A . 
C 3 HOH 169 246 215 HOH HOH A . 
C 3 HOH 170 247 216 HOH HOH A . 
C 3 HOH 171 248 217 HOH HOH A . 
C 3 HOH 172 249 218 HOH HOH A . 
C 3 HOH 173 250 219 HOH HOH A . 
C 3 HOH 174 251 220 HOH HOH A . 
D 3 HOH 1   33  30  HOH HOH B . 
D 3 HOH 2   34  71  HOH HOH B . 
D 3 HOH 3   35  88  HOH HOH B . 
D 3 HOH 4   36  95  HOH HOH B . 
D 3 HOH 5   37  103 HOH HOH B . 
D 3 HOH 6   38  106 HOH HOH B . 
D 3 HOH 7   39  121 HOH HOH B . 
D 3 HOH 8   40  127 HOH HOH B . 
D 3 HOH 9   41  132 HOH HOH B . 
D 3 HOH 10  42  139 HOH HOH B . 
D 3 HOH 11  43  150 HOH HOH B . 
D 3 HOH 12  44  152 HOH HOH B . 
D 3 HOH 13  45  159 HOH HOH B . 
D 3 HOH 14  46  184 HOH HOH B . 
D 3 HOH 15  47  195 HOH HOH B . 
D 3 HOH 16  48  196 HOH HOH B . 
D 3 HOH 17  49  197 HOH HOH B . 
D 3 HOH 18  50  199 HOH HOH B . 
D 3 HOH 19  51  203 HOH HOH B . 
D 3 HOH 20  52  204 HOH HOH B . 
# 
_pdbx_struct_mod_residue.id               1 
_pdbx_struct_mod_residue.label_asym_id    B 
_pdbx_struct_mod_residue.label_comp_id    M3L 
_pdbx_struct_mod_residue.label_seq_id     13 
_pdbx_struct_mod_residue.auth_asym_id     B 
_pdbx_struct_mod_residue.auth_comp_id     M3L 
_pdbx_struct_mod_residue.auth_seq_id      27 
_pdbx_struct_mod_residue.PDB_ins_code     ? 
_pdbx_struct_mod_residue.parent_comp_id   LYS 
_pdbx_struct_mod_residue.details          N-TRIMETHYLLYSINE 
# 
_pdbx_struct_assembly.id                   1 
_pdbx_struct_assembly.details              author_and_software_defined_assembly 
_pdbx_struct_assembly.method_details       PISA 
_pdbx_struct_assembly.oligomeric_details   dimeric 
_pdbx_struct_assembly.oligomeric_count     2 
# 
_pdbx_struct_assembly_gen.assembly_id       1 
_pdbx_struct_assembly_gen.oper_expression   1 
_pdbx_struct_assembly_gen.asym_id_list      A,B,C,D 
# 
loop_
_pdbx_struct_assembly_prop.biol_id 
_pdbx_struct_assembly_prop.type 
_pdbx_struct_assembly_prop.value 
_pdbx_struct_assembly_prop.details 
1 'ABSA (A^2)' 1450 ? 
1 MORE         -6   ? 
1 'SSA (A^2)'  4230 ? 
# 
_pdbx_struct_oper_list.id                   1 
_pdbx_struct_oper_list.type                 'identity operation' 
_pdbx_struct_oper_list.name                 1_555 
_pdbx_struct_oper_list.symmetry_operation   x,y,z 
_pdbx_struct_oper_list.matrix[1][1]         1.0000000000 
_pdbx_struct_oper_list.matrix[1][2]         0.0000000000 
_pdbx_struct_oper_list.matrix[1][3]         0.0000000000 
_pdbx_struct_oper_list.vector[1]            0.0000000000 
_pdbx_struct_oper_list.matrix[2][1]         0.0000000000 
_pdbx_struct_oper_list.matrix[2][2]         1.0000000000 
_pdbx_struct_oper_list.matrix[2][3]         0.0000000000 
_pdbx_struct_oper_list.vector[2]            0.0000000000 
_pdbx_struct_oper_list.matrix[3][1]         0.0000000000 
_pdbx_struct_oper_list.matrix[3][2]         0.0000000000 
_pdbx_struct_oper_list.matrix[3][3]         1.0000000000 
_pdbx_struct_oper_list.vector[3]            0.0000000000 
# 
loop_
_pdbx_struct_special_symmetry.id 
_pdbx_struct_special_symmetry.PDB_model_num 
_pdbx_struct_special_symmetry.auth_asym_id 
_pdbx_struct_special_symmetry.auth_comp_id 
_pdbx_struct_special_symmetry.auth_seq_id 
_pdbx_struct_special_symmetry.PDB_ins_code 
_pdbx_struct_special_symmetry.label_asym_id 
_pdbx_struct_special_symmetry.label_comp_id 
_pdbx_struct_special_symmetry.label_seq_id 
1 1 A HOH 240 ? C HOH . 
2 1 A HOH 241 ? C HOH . 
3 1 A HOH 248 ? C HOH . 
# 
loop_
_pdbx_audit_revision_history.ordinal 
_pdbx_audit_revision_history.data_content_type 
_pdbx_audit_revision_history.major_revision 
_pdbx_audit_revision_history.minor_revision 
_pdbx_audit_revision_history.revision_date 
1 'Structure model' 1 0 2003-08-26 
2 'Structure model' 1 1 2008-04-29 
3 'Structure model' 1 2 2011-07-13 
4 'Structure model' 1 3 2021-10-27 
5 'Structure model' 1 4 2023-08-16 
# 
_pdbx_audit_revision_details.ordinal             1 
_pdbx_audit_revision_details.revision_ordinal    1 
_pdbx_audit_revision_details.data_content_type   'Structure model' 
_pdbx_audit_revision_details.provider            repository 
_pdbx_audit_revision_details.type                'Initial release' 
_pdbx_audit_revision_details.description         ? 
_pdbx_audit_revision_details.details             ? 
# 
loop_
_pdbx_audit_revision_group.ordinal 
_pdbx_audit_revision_group.revision_ordinal 
_pdbx_audit_revision_group.data_content_type 
_pdbx_audit_revision_group.group 
1 2 'Structure model' 'Version format compliance' 
2 3 'Structure model' 'Version format compliance' 
3 4 'Structure model' 'Database references'       
4 4 'Structure model' 'Derived calculations'      
5 5 'Structure model' 'Data collection'           
6 5 'Structure model' 'Refinement description'    
# 
loop_
_pdbx_audit_revision_category.ordinal 
_pdbx_audit_revision_category.revision_ordinal 
_pdbx_audit_revision_category.data_content_type 
_pdbx_audit_revision_category.category 
1 4 'Structure model' database_2                    
2 4 'Structure model' struct_conn                   
3 4 'Structure model' struct_ref_seq_dif            
4 5 'Structure model' chem_comp_atom                
5 5 'Structure model' chem_comp_bond                
6 5 'Structure model' pdbx_initial_refinement_model 
# 
loop_
_pdbx_audit_revision_item.ordinal 
_pdbx_audit_revision_item.revision_ordinal 
_pdbx_audit_revision_item.data_content_type 
_pdbx_audit_revision_item.item 
1 4 'Structure model' '_database_2.pdbx_DOI'                
2 4 'Structure model' '_database_2.pdbx_database_accession' 
3 4 'Structure model' '_struct_conn.pdbx_leaving_atom_flag' 
4 4 'Structure model' '_struct_ref_seq_dif.details'         
# 
loop_
_software.name 
_software.classification 
_software.version 
_software.citation_id 
_software.pdbx_ordinal 
CNS      refinement       1.0          ? 1 
HKL-2000 'data reduction' .            ? 2 
CCP4     'data scaling'   '(TRUNCATE)' ? 3 
MOLREP   phasing          .            ? 4 
# 
_pdbx_validate_close_contact.id               1 
_pdbx_validate_close_contact.PDB_model_num    1 
_pdbx_validate_close_contact.auth_atom_id_1   OH 
_pdbx_validate_close_contact.auth_asym_id_1   A 
_pdbx_validate_close_contact.auth_comp_id_1   TYR 
_pdbx_validate_close_contact.auth_seq_id_1    72 
_pdbx_validate_close_contact.PDB_ins_code_1   ? 
_pdbx_validate_close_contact.label_alt_id_1   ? 
_pdbx_validate_close_contact.auth_atom_id_2   O 
_pdbx_validate_close_contact.auth_asym_id_2   A 
_pdbx_validate_close_contact.auth_comp_id_2   HOH 
_pdbx_validate_close_contact.auth_seq_id_2    219 
_pdbx_validate_close_contact.PDB_ins_code_2   ? 
_pdbx_validate_close_contact.label_alt_id_2   ? 
_pdbx_validate_close_contact.dist             1.77 
# 
loop_
_pdbx_validate_symm_contact.id 
_pdbx_validate_symm_contact.PDB_model_num 
_pdbx_validate_symm_contact.auth_atom_id_1 
_pdbx_validate_symm_contact.auth_asym_id_1 
_pdbx_validate_symm_contact.auth_comp_id_1 
_pdbx_validate_symm_contact.auth_seq_id_1 
_pdbx_validate_symm_contact.PDB_ins_code_1 
_pdbx_validate_symm_contact.label_alt_id_1 
_pdbx_validate_symm_contact.site_symmetry_1 
_pdbx_validate_symm_contact.auth_atom_id_2 
_pdbx_validate_symm_contact.auth_asym_id_2 
_pdbx_validate_symm_contact.auth_comp_id_2 
_pdbx_validate_symm_contact.auth_seq_id_2 
_pdbx_validate_symm_contact.PDB_ins_code_2 
_pdbx_validate_symm_contact.label_alt_id_2 
_pdbx_validate_symm_contact.site_symmetry_2 
_pdbx_validate_symm_contact.dist 
1 1 O A HOH 201 ? ? 1_555 O A HOH 201 ? ? 8_565 1.36 
2 1 O A HOH 243 ? ? 1_555 O A HOH 243 ? ? 7_456 1.61 
# 
loop_
_pdbx_unobs_or_zero_occ_residues.id 
_pdbx_unobs_or_zero_occ_residues.PDB_model_num 
_pdbx_unobs_or_zero_occ_residues.polymer_flag 
_pdbx_unobs_or_zero_occ_residues.occupancy_flag 
_pdbx_unobs_or_zero_occ_residues.auth_asym_id 
_pdbx_unobs_or_zero_occ_residues.auth_comp_id 
_pdbx_unobs_or_zero_occ_residues.auth_seq_id 
_pdbx_unobs_or_zero_occ_residues.PDB_ins_code 
_pdbx_unobs_or_zero_occ_residues.label_asym_id 
_pdbx_unobs_or_zero_occ_residues.label_comp_id 
_pdbx_unobs_or_zero_occ_residues.label_seq_id 
1  1 Y 1 A MET 6  ? A MET 1  
2  1 Y 1 A LYS 7  ? A LYS 2  
3  1 Y 1 A LYS 8  ? A LYS 3  
4  1 Y 1 A HIS 9  ? A HIS 4  
5  1 Y 1 A HIS 10 ? A HIS 5  
6  1 Y 1 A HIS 11 ? A HIS 6  
7  1 Y 1 A HIS 12 ? A HIS 7  
8  1 Y 1 A HIS 13 ? A HIS 8  
9  1 Y 1 A HIS 14 ? A HIS 9  
10 1 Y 1 A ASP 15 ? A ASP 10 
11 1 Y 1 A ASN 16 ? A ASN 11 
12 1 Y 1 A ALA 17 ? A ALA 12 
13 1 Y 1 A THR 18 ? A THR 13 
14 1 Y 1 A ASP 19 ? A ASP 14 
15 1 Y 1 A ASP 20 ? A ASP 15 
16 1 Y 1 A PRO 21 ? A PRO 16 
17 1 Y 1 A VAL 22 ? A VAL 17 
18 1 Y 1 A GLN 74 ? A GLN 69 
19 1 Y 1 A THR 75 ? A THR 70 
20 1 Y 1 A ASN 76 ? A ASN 71 
21 1 Y 1 A LYS 77 ? A LYS 72 
22 1 Y 1 B ALA 15 ? B ALA 1  
23 1 Y 1 B PRO 16 ? B PRO 2  
24 1 Y 1 B ARG 17 ? B ARG 3  
25 1 Y 1 B LYS 18 ? B LYS 4  
26 1 Y 1 B GLN 19 ? B GLN 5  
27 1 Y 1 B ALA 29 ? B ALA 15 
28 1 Y 1 B PRO 30 ? B PRO 16 
29 1 Y 1 B SER 31 ? B SER 17 
30 1 Y 1 B THR 32 ? B THR 18 
# 
loop_
_chem_comp_atom.comp_id 
_chem_comp_atom.atom_id 
_chem_comp_atom.type_symbol 
_chem_comp_atom.pdbx_aromatic_flag 
_chem_comp_atom.pdbx_stereo_config 
_chem_comp_atom.pdbx_ordinal 
ALA N    N N N 1   
ALA CA   C N S 2   
ALA C    C N N 3   
ALA O    O N N 4   
ALA CB   C N N 5   
ALA OXT  O N N 6   
ALA H    H N N 7   
ALA H2   H N N 8   
ALA HA   H N N 9   
ALA HB1  H N N 10  
ALA HB2  H N N 11  
ALA HB3  H N N 12  
ALA HXT  H N N 13  
ARG N    N N N 14  
ARG CA   C N S 15  
ARG C    C N N 16  
ARG O    O N N 17  
ARG CB   C N N 18  
ARG CG   C N N 19  
ARG CD   C N N 20  
ARG NE   N N N 21  
ARG CZ   C N N 22  
ARG NH1  N N N 23  
ARG NH2  N N N 24  
ARG OXT  O N N 25  
ARG H    H N N 26  
ARG H2   H N N 27  
ARG HA   H N N 28  
ARG HB2  H N N 29  
ARG HB3  H N N 30  
ARG HG2  H N N 31  
ARG HG3  H N N 32  
ARG HD2  H N N 33  
ARG HD3  H N N 34  
ARG HE   H N N 35  
ARG HH11 H N N 36  
ARG HH12 H N N 37  
ARG HH21 H N N 38  
ARG HH22 H N N 39  
ARG HXT  H N N 40  
ASN N    N N N 41  
ASN CA   C N S 42  
ASN C    C N N 43  
ASN O    O N N 44  
ASN CB   C N N 45  
ASN CG   C N N 46  
ASN OD1  O N N 47  
ASN ND2  N N N 48  
ASN OXT  O N N 49  
ASN H    H N N 50  
ASN H2   H N N 51  
ASN HA   H N N 52  
ASN HB2  H N N 53  
ASN HB3  H N N 54  
ASN HD21 H N N 55  
ASN HD22 H N N 56  
ASN HXT  H N N 57  
ASP N    N N N 58  
ASP CA   C N S 59  
ASP C    C N N 60  
ASP O    O N N 61  
ASP CB   C N N 62  
ASP CG   C N N 63  
ASP OD1  O N N 64  
ASP OD2  O N N 65  
ASP OXT  O N N 66  
ASP H    H N N 67  
ASP H2   H N N 68  
ASP HA   H N N 69  
ASP HB2  H N N 70  
ASP HB3  H N N 71  
ASP HD2  H N N 72  
ASP HXT  H N N 73  
GLN N    N N N 74  
GLN CA   C N S 75  
GLN C    C N N 76  
GLN O    O N N 77  
GLN CB   C N N 78  
GLN CG   C N N 79  
GLN CD   C N N 80  
GLN OE1  O N N 81  
GLN NE2  N N N 82  
GLN OXT  O N N 83  
GLN H    H N N 84  
GLN H2   H N N 85  
GLN HA   H N N 86  
GLN HB2  H N N 87  
GLN HB3  H N N 88  
GLN HG2  H N N 89  
GLN HG3  H N N 90  
GLN HE21 H N N 91  
GLN HE22 H N N 92  
GLN HXT  H N N 93  
GLU N    N N N 94  
GLU CA   C N S 95  
GLU C    C N N 96  
GLU O    O N N 97  
GLU CB   C N N 98  
GLU CG   C N N 99  
GLU CD   C N N 100 
GLU OE1  O N N 101 
GLU OE2  O N N 102 
GLU OXT  O N N 103 
GLU H    H N N 104 
GLU H2   H N N 105 
GLU HA   H N N 106 
GLU HB2  H N N 107 
GLU HB3  H N N 108 
GLU HG2  H N N 109 
GLU HG3  H N N 110 
GLU HE2  H N N 111 
GLU HXT  H N N 112 
GLY N    N N N 113 
GLY CA   C N N 114 
GLY C    C N N 115 
GLY O    O N N 116 
GLY OXT  O N N 117 
GLY H    H N N 118 
GLY H2   H N N 119 
GLY HA2  H N N 120 
GLY HA3  H N N 121 
GLY HXT  H N N 122 
HIS N    N N N 123 
HIS CA   C N S 124 
HIS C    C N N 125 
HIS O    O N N 126 
HIS CB   C N N 127 
HIS CG   C Y N 128 
HIS ND1  N Y N 129 
HIS CD2  C Y N 130 
HIS CE1  C Y N 131 
HIS NE2  N Y N 132 
HIS OXT  O N N 133 
HIS H    H N N 134 
HIS H2   H N N 135 
HIS HA   H N N 136 
HIS HB2  H N N 137 
HIS HB3  H N N 138 
HIS HD1  H N N 139 
HIS HD2  H N N 140 
HIS HE1  H N N 141 
HIS HE2  H N N 142 
HIS HXT  H N N 143 
HOH O    O N N 144 
HOH H1   H N N 145 
HOH H2   H N N 146 
ILE N    N N N 147 
ILE CA   C N S 148 
ILE C    C N N 149 
ILE O    O N N 150 
ILE CB   C N S 151 
ILE CG1  C N N 152 
ILE CG2  C N N 153 
ILE CD1  C N N 154 
ILE OXT  O N N 155 
ILE H    H N N 156 
ILE H2   H N N 157 
ILE HA   H N N 158 
ILE HB   H N N 159 
ILE HG12 H N N 160 
ILE HG13 H N N 161 
ILE HG21 H N N 162 
ILE HG22 H N N 163 
ILE HG23 H N N 164 
ILE HD11 H N N 165 
ILE HD12 H N N 166 
ILE HD13 H N N 167 
ILE HXT  H N N 168 
LEU N    N N N 169 
LEU CA   C N S 170 
LEU C    C N N 171 
LEU O    O N N 172 
LEU CB   C N N 173 
LEU CG   C N N 174 
LEU CD1  C N N 175 
LEU CD2  C N N 176 
LEU OXT  O N N 177 
LEU H    H N N 178 
LEU H2   H N N 179 
LEU HA   H N N 180 
LEU HB2  H N N 181 
LEU HB3  H N N 182 
LEU HG   H N N 183 
LEU HD11 H N N 184 
LEU HD12 H N N 185 
LEU HD13 H N N 186 
LEU HD21 H N N 187 
LEU HD22 H N N 188 
LEU HD23 H N N 189 
LEU HXT  H N N 190 
LYS N    N N N 191 
LYS CA   C N S 192 
LYS C    C N N 193 
LYS O    O N N 194 
LYS CB   C N N 195 
LYS CG   C N N 196 
LYS CD   C N N 197 
LYS CE   C N N 198 
LYS NZ   N N N 199 
LYS OXT  O N N 200 
LYS H    H N N 201 
LYS H2   H N N 202 
LYS HA   H N N 203 
LYS HB2  H N N 204 
LYS HB3  H N N 205 
LYS HG2  H N N 206 
LYS HG3  H N N 207 
LYS HD2  H N N 208 
LYS HD3  H N N 209 
LYS HE2  H N N 210 
LYS HE3  H N N 211 
LYS HZ1  H N N 212 
LYS HZ2  H N N 213 
LYS HZ3  H N N 214 
LYS HXT  H N N 215 
M3L N    N N N 216 
M3L CA   C N S 217 
M3L CB   C N N 218 
M3L CG   C N N 219 
M3L CD   C N N 220 
M3L CE   C N N 221 
M3L NZ   N N N 222 
M3L C    C N N 223 
M3L O    O N N 224 
M3L OXT  O N N 225 
M3L CM1  C N N 226 
M3L CM2  C N N 227 
M3L CM3  C N N 228 
M3L H    H N N 229 
M3L H2   H N N 230 
M3L HA   H N N 231 
M3L HB2  H N N 232 
M3L HB3  H N N 233 
M3L HG2  H N N 234 
M3L HG3  H N N 235 
M3L HD2  H N N 236 
M3L HD3  H N N 237 
M3L HE2  H N N 238 
M3L HE3  H N N 239 
M3L HXT  H N N 240 
M3L HM11 H N N 241 
M3L HM12 H N N 242 
M3L HM13 H N N 243 
M3L HM21 H N N 244 
M3L HM22 H N N 245 
M3L HM23 H N N 246 
M3L HM31 H N N 247 
M3L HM32 H N N 248 
M3L HM33 H N N 249 
MET N    N N N 250 
MET CA   C N S 251 
MET C    C N N 252 
MET O    O N N 253 
MET CB   C N N 254 
MET CG   C N N 255 
MET SD   S N N 256 
MET CE   C N N 257 
MET OXT  O N N 258 
MET H    H N N 259 
MET H2   H N N 260 
MET HA   H N N 261 
MET HB2  H N N 262 
MET HB3  H N N 263 
MET HG2  H N N 264 
MET HG3  H N N 265 
MET HE1  H N N 266 
MET HE2  H N N 267 
MET HE3  H N N 268 
MET HXT  H N N 269 
PRO N    N N N 270 
PRO CA   C N S 271 
PRO C    C N N 272 
PRO O    O N N 273 
PRO CB   C N N 274 
PRO CG   C N N 275 
PRO CD   C N N 276 
PRO OXT  O N N 277 
PRO H    H N N 278 
PRO HA   H N N 279 
PRO HB2  H N N 280 
PRO HB3  H N N 281 
PRO HG2  H N N 282 
PRO HG3  H N N 283 
PRO HD2  H N N 284 
PRO HD3  H N N 285 
PRO HXT  H N N 286 
SER N    N N N 287 
SER CA   C N S 288 
SER C    C N N 289 
SER O    O N N 290 
SER CB   C N N 291 
SER OG   O N N 292 
SER OXT  O N N 293 
SER H    H N N 294 
SER H2   H N N 295 
SER HA   H N N 296 
SER HB2  H N N 297 
SER HB3  H N N 298 
SER HG   H N N 299 
SER HXT  H N N 300 
THR N    N N N 301 
THR CA   C N S 302 
THR C    C N N 303 
THR O    O N N 304 
THR CB   C N R 305 
THR OG1  O N N 306 
THR CG2  C N N 307 
THR OXT  O N N 308 
THR H    H N N 309 
THR H2   H N N 310 
THR HA   H N N 311 
THR HB   H N N 312 
THR HG1  H N N 313 
THR HG21 H N N 314 
THR HG22 H N N 315 
THR HG23 H N N 316 
THR HXT  H N N 317 
TRP N    N N N 318 
TRP CA   C N S 319 
TRP C    C N N 320 
TRP O    O N N 321 
TRP CB   C N N 322 
TRP CG   C Y N 323 
TRP CD1  C Y N 324 
TRP CD2  C Y N 325 
TRP NE1  N Y N 326 
TRP CE2  C Y N 327 
TRP CE3  C Y N 328 
TRP CZ2  C Y N 329 
TRP CZ3  C Y N 330 
TRP CH2  C Y N 331 
TRP OXT  O N N 332 
TRP H    H N N 333 
TRP H2   H N N 334 
TRP HA   H N N 335 
TRP HB2  H N N 336 
TRP HB3  H N N 337 
TRP HD1  H N N 338 
TRP HE1  H N N 339 
TRP HE3  H N N 340 
TRP HZ2  H N N 341 
TRP HZ3  H N N 342 
TRP HH2  H N N 343 
TRP HXT  H N N 344 
TYR N    N N N 345 
TYR CA   C N S 346 
TYR C    C N N 347 
TYR O    O N N 348 
TYR CB   C N N 349 
TYR CG   C Y N 350 
TYR CD1  C Y N 351 
TYR CD2  C Y N 352 
TYR CE1  C Y N 353 
TYR CE2  C Y N 354 
TYR CZ   C Y N 355 
TYR OH   O N N 356 
TYR OXT  O N N 357 
TYR H    H N N 358 
TYR H2   H N N 359 
TYR HA   H N N 360 
TYR HB2  H N N 361 
TYR HB3  H N N 362 
TYR HD1  H N N 363 
TYR HD2  H N N 364 
TYR HE1  H N N 365 
TYR HE2  H N N 366 
TYR HH   H N N 367 
TYR HXT  H N N 368 
VAL N    N N N 369 
VAL CA   C N S 370 
VAL C    C N N 371 
VAL O    O N N 372 
VAL CB   C N N 373 
VAL CG1  C N N 374 
VAL CG2  C N N 375 
VAL OXT  O N N 376 
VAL H    H N N 377 
VAL H2   H N N 378 
VAL HA   H N N 379 
VAL HB   H N N 380 
VAL HG11 H N N 381 
VAL HG12 H N N 382 
VAL HG13 H N N 383 
VAL HG21 H N N 384 
VAL HG22 H N N 385 
VAL HG23 H N N 386 
VAL HXT  H N N 387 
# 
loop_
_chem_comp_bond.comp_id 
_chem_comp_bond.atom_id_1 
_chem_comp_bond.atom_id_2 
_chem_comp_bond.value_order 
_chem_comp_bond.pdbx_aromatic_flag 
_chem_comp_bond.pdbx_stereo_config 
_chem_comp_bond.pdbx_ordinal 
ALA N   CA   sing N N 1   
ALA N   H    sing N N 2   
ALA N   H2   sing N N 3   
ALA CA  C    sing N N 4   
ALA CA  CB   sing N N 5   
ALA CA  HA   sing N N 6   
ALA C   O    doub N N 7   
ALA C   OXT  sing N N 8   
ALA CB  HB1  sing N N 9   
ALA CB  HB2  sing N N 10  
ALA CB  HB3  sing N N 11  
ALA OXT HXT  sing N N 12  
ARG N   CA   sing N N 13  
ARG N   H    sing N N 14  
ARG N   H2   sing N N 15  
ARG CA  C    sing N N 16  
ARG CA  CB   sing N N 17  
ARG CA  HA   sing N N 18  
ARG C   O    doub N N 19  
ARG C   OXT  sing N N 20  
ARG CB  CG   sing N N 21  
ARG CB  HB2  sing N N 22  
ARG CB  HB3  sing N N 23  
ARG CG  CD   sing N N 24  
ARG CG  HG2  sing N N 25  
ARG CG  HG3  sing N N 26  
ARG CD  NE   sing N N 27  
ARG CD  HD2  sing N N 28  
ARG CD  HD3  sing N N 29  
ARG NE  CZ   sing N N 30  
ARG NE  HE   sing N N 31  
ARG CZ  NH1  sing N N 32  
ARG CZ  NH2  doub N N 33  
ARG NH1 HH11 sing N N 34  
ARG NH1 HH12 sing N N 35  
ARG NH2 HH21 sing N N 36  
ARG NH2 HH22 sing N N 37  
ARG OXT HXT  sing N N 38  
ASN N   CA   sing N N 39  
ASN N   H    sing N N 40  
ASN N   H2   sing N N 41  
ASN CA  C    sing N N 42  
ASN CA  CB   sing N N 43  
ASN CA  HA   sing N N 44  
ASN C   O    doub N N 45  
ASN C   OXT  sing N N 46  
ASN CB  CG   sing N N 47  
ASN CB  HB2  sing N N 48  
ASN CB  HB3  sing N N 49  
ASN CG  OD1  doub N N 50  
ASN CG  ND2  sing N N 51  
ASN ND2 HD21 sing N N 52  
ASN ND2 HD22 sing N N 53  
ASN OXT HXT  sing N N 54  
ASP N   CA   sing N N 55  
ASP N   H    sing N N 56  
ASP N   H2   sing N N 57  
ASP CA  C    sing N N 58  
ASP CA  CB   sing N N 59  
ASP CA  HA   sing N N 60  
ASP C   O    doub N N 61  
ASP C   OXT  sing N N 62  
ASP CB  CG   sing N N 63  
ASP CB  HB2  sing N N 64  
ASP CB  HB3  sing N N 65  
ASP CG  OD1  doub N N 66  
ASP CG  OD2  sing N N 67  
ASP OD2 HD2  sing N N 68  
ASP OXT HXT  sing N N 69  
GLN N   CA   sing N N 70  
GLN N   H    sing N N 71  
GLN N   H2   sing N N 72  
GLN CA  C    sing N N 73  
GLN CA  CB   sing N N 74  
GLN CA  HA   sing N N 75  
GLN C   O    doub N N 76  
GLN C   OXT  sing N N 77  
GLN CB  CG   sing N N 78  
GLN CB  HB2  sing N N 79  
GLN CB  HB3  sing N N 80  
GLN CG  CD   sing N N 81  
GLN CG  HG2  sing N N 82  
GLN CG  HG3  sing N N 83  
GLN CD  OE1  doub N N 84  
GLN CD  NE2  sing N N 85  
GLN NE2 HE21 sing N N 86  
GLN NE2 HE22 sing N N 87  
GLN OXT HXT  sing N N 88  
GLU N   CA   sing N N 89  
GLU N   H    sing N N 90  
GLU N   H2   sing N N 91  
GLU CA  C    sing N N 92  
GLU CA  CB   sing N N 93  
GLU CA  HA   sing N N 94  
GLU C   O    doub N N 95  
GLU C   OXT  sing N N 96  
GLU CB  CG   sing N N 97  
GLU CB  HB2  sing N N 98  
GLU CB  HB3  sing N N 99  
GLU CG  CD   sing N N 100 
GLU CG  HG2  sing N N 101 
GLU CG  HG3  sing N N 102 
GLU CD  OE1  doub N N 103 
GLU CD  OE2  sing N N 104 
GLU OE2 HE2  sing N N 105 
GLU OXT HXT  sing N N 106 
GLY N   CA   sing N N 107 
GLY N   H    sing N N 108 
GLY N   H2   sing N N 109 
GLY CA  C    sing N N 110 
GLY CA  HA2  sing N N 111 
GLY CA  HA3  sing N N 112 
GLY C   O    doub N N 113 
GLY C   OXT  sing N N 114 
GLY OXT HXT  sing N N 115 
HIS N   CA   sing N N 116 
HIS N   H    sing N N 117 
HIS N   H2   sing N N 118 
HIS CA  C    sing N N 119 
HIS CA  CB   sing N N 120 
HIS CA  HA   sing N N 121 
HIS C   O    doub N N 122 
HIS C   OXT  sing N N 123 
HIS CB  CG   sing N N 124 
HIS CB  HB2  sing N N 125 
HIS CB  HB3  sing N N 126 
HIS CG  ND1  sing Y N 127 
HIS CG  CD2  doub Y N 128 
HIS ND1 CE1  doub Y N 129 
HIS ND1 HD1  sing N N 130 
HIS CD2 NE2  sing Y N 131 
HIS CD2 HD2  sing N N 132 
HIS CE1 NE2  sing Y N 133 
HIS CE1 HE1  sing N N 134 
HIS NE2 HE2  sing N N 135 
HIS OXT HXT  sing N N 136 
HOH O   H1   sing N N 137 
HOH O   H2   sing N N 138 
ILE N   CA   sing N N 139 
ILE N   H    sing N N 140 
ILE N   H2   sing N N 141 
ILE CA  C    sing N N 142 
ILE CA  CB   sing N N 143 
ILE CA  HA   sing N N 144 
ILE C   O    doub N N 145 
ILE C   OXT  sing N N 146 
ILE CB  CG1  sing N N 147 
ILE CB  CG2  sing N N 148 
ILE CB  HB   sing N N 149 
ILE CG1 CD1  sing N N 150 
ILE CG1 HG12 sing N N 151 
ILE CG1 HG13 sing N N 152 
ILE CG2 HG21 sing N N 153 
ILE CG2 HG22 sing N N 154 
ILE CG2 HG23 sing N N 155 
ILE CD1 HD11 sing N N 156 
ILE CD1 HD12 sing N N 157 
ILE CD1 HD13 sing N N 158 
ILE OXT HXT  sing N N 159 
LEU N   CA   sing N N 160 
LEU N   H    sing N N 161 
LEU N   H2   sing N N 162 
LEU CA  C    sing N N 163 
LEU CA  CB   sing N N 164 
LEU CA  HA   sing N N 165 
LEU C   O    doub N N 166 
LEU C   OXT  sing N N 167 
LEU CB  CG   sing N N 168 
LEU CB  HB2  sing N N 169 
LEU CB  HB3  sing N N 170 
LEU CG  CD1  sing N N 171 
LEU CG  CD2  sing N N 172 
LEU CG  HG   sing N N 173 
LEU CD1 HD11 sing N N 174 
LEU CD1 HD12 sing N N 175 
LEU CD1 HD13 sing N N 176 
LEU CD2 HD21 sing N N 177 
LEU CD2 HD22 sing N N 178 
LEU CD2 HD23 sing N N 179 
LEU OXT HXT  sing N N 180 
LYS N   CA   sing N N 181 
LYS N   H    sing N N 182 
LYS N   H2   sing N N 183 
LYS CA  C    sing N N 184 
LYS CA  CB   sing N N 185 
LYS CA  HA   sing N N 186 
LYS C   O    doub N N 187 
LYS C   OXT  sing N N 188 
LYS CB  CG   sing N N 189 
LYS CB  HB2  sing N N 190 
LYS CB  HB3  sing N N 191 
LYS CG  CD   sing N N 192 
LYS CG  HG2  sing N N 193 
LYS CG  HG3  sing N N 194 
LYS CD  CE   sing N N 195 
LYS CD  HD2  sing N N 196 
LYS CD  HD3  sing N N 197 
LYS CE  NZ   sing N N 198 
LYS CE  HE2  sing N N 199 
LYS CE  HE3  sing N N 200 
LYS NZ  HZ1  sing N N 201 
LYS NZ  HZ2  sing N N 202 
LYS NZ  HZ3  sing N N 203 
LYS OXT HXT  sing N N 204 
M3L N   CA   sing N N 205 
M3L N   H    sing N N 206 
M3L N   H2   sing N N 207 
M3L CA  CB   sing N N 208 
M3L CA  C    sing N N 209 
M3L CA  HA   sing N N 210 
M3L CB  CG   sing N N 211 
M3L CB  HB2  sing N N 212 
M3L CB  HB3  sing N N 213 
M3L CG  CD   sing N N 214 
M3L CG  HG2  sing N N 215 
M3L CG  HG3  sing N N 216 
M3L CD  CE   sing N N 217 
M3L CD  HD2  sing N N 218 
M3L CD  HD3  sing N N 219 
M3L CE  NZ   sing N N 220 
M3L CE  HE2  sing N N 221 
M3L CE  HE3  sing N N 222 
M3L NZ  CM1  sing N N 223 
M3L NZ  CM2  sing N N 224 
M3L NZ  CM3  sing N N 225 
M3L C   O    doub N N 226 
M3L C   OXT  sing N N 227 
M3L OXT HXT  sing N N 228 
M3L CM1 HM11 sing N N 229 
M3L CM1 HM12 sing N N 230 
M3L CM1 HM13 sing N N 231 
M3L CM2 HM21 sing N N 232 
M3L CM2 HM22 sing N N 233 
M3L CM2 HM23 sing N N 234 
M3L CM3 HM31 sing N N 235 
M3L CM3 HM32 sing N N 236 
M3L CM3 HM33 sing N N 237 
MET N   CA   sing N N 238 
MET N   H    sing N N 239 
MET N   H2   sing N N 240 
MET CA  C    sing N N 241 
MET CA  CB   sing N N 242 
MET CA  HA   sing N N 243 
MET C   O    doub N N 244 
MET C   OXT  sing N N 245 
MET CB  CG   sing N N 246 
MET CB  HB2  sing N N 247 
MET CB  HB3  sing N N 248 
MET CG  SD   sing N N 249 
MET CG  HG2  sing N N 250 
MET CG  HG3  sing N N 251 
MET SD  CE   sing N N 252 
MET CE  HE1  sing N N 253 
MET CE  HE2  sing N N 254 
MET CE  HE3  sing N N 255 
MET OXT HXT  sing N N 256 
PRO N   CA   sing N N 257 
PRO N   CD   sing N N 258 
PRO N   H    sing N N 259 
PRO CA  C    sing N N 260 
PRO CA  CB   sing N N 261 
PRO CA  HA   sing N N 262 
PRO C   O    doub N N 263 
PRO C   OXT  sing N N 264 
PRO CB  CG   sing N N 265 
PRO CB  HB2  sing N N 266 
PRO CB  HB3  sing N N 267 
PRO CG  CD   sing N N 268 
PRO CG  HG2  sing N N 269 
PRO CG  HG3  sing N N 270 
PRO CD  HD2  sing N N 271 
PRO CD  HD3  sing N N 272 
PRO OXT HXT  sing N N 273 
SER N   CA   sing N N 274 
SER N   H    sing N N 275 
SER N   H2   sing N N 276 
SER CA  C    sing N N 277 
SER CA  CB   sing N N 278 
SER CA  HA   sing N N 279 
SER C   O    doub N N 280 
SER C   OXT  sing N N 281 
SER CB  OG   sing N N 282 
SER CB  HB2  sing N N 283 
SER CB  HB3  sing N N 284 
SER OG  HG   sing N N 285 
SER OXT HXT  sing N N 286 
THR N   CA   sing N N 287 
THR N   H    sing N N 288 
THR N   H2   sing N N 289 
THR CA  C    sing N N 290 
THR CA  CB   sing N N 291 
THR CA  HA   sing N N 292 
THR C   O    doub N N 293 
THR C   OXT  sing N N 294 
THR CB  OG1  sing N N 295 
THR CB  CG2  sing N N 296 
THR CB  HB   sing N N 297 
THR OG1 HG1  sing N N 298 
THR CG2 HG21 sing N N 299 
THR CG2 HG22 sing N N 300 
THR CG2 HG23 sing N N 301 
THR OXT HXT  sing N N 302 
TRP N   CA   sing N N 303 
TRP N   H    sing N N 304 
TRP N   H2   sing N N 305 
TRP CA  C    sing N N 306 
TRP CA  CB   sing N N 307 
TRP CA  HA   sing N N 308 
TRP C   O    doub N N 309 
TRP C   OXT  sing N N 310 
TRP CB  CG   sing N N 311 
TRP CB  HB2  sing N N 312 
TRP CB  HB3  sing N N 313 
TRP CG  CD1  doub Y N 314 
TRP CG  CD2  sing Y N 315 
TRP CD1 NE1  sing Y N 316 
TRP CD1 HD1  sing N N 317 
TRP CD2 CE2  doub Y N 318 
TRP CD2 CE3  sing Y N 319 
TRP NE1 CE2  sing Y N 320 
TRP NE1 HE1  sing N N 321 
TRP CE2 CZ2  sing Y N 322 
TRP CE3 CZ3  doub Y N 323 
TRP CE3 HE3  sing N N 324 
TRP CZ2 CH2  doub Y N 325 
TRP CZ2 HZ2  sing N N 326 
TRP CZ3 CH2  sing Y N 327 
TRP CZ3 HZ3  sing N N 328 
TRP CH2 HH2  sing N N 329 
TRP OXT HXT  sing N N 330 
TYR N   CA   sing N N 331 
TYR N   H    sing N N 332 
TYR N   H2   sing N N 333 
TYR CA  C    sing N N 334 
TYR CA  CB   sing N N 335 
TYR CA  HA   sing N N 336 
TYR C   O    doub N N 337 
TYR C   OXT  sing N N 338 
TYR CB  CG   sing N N 339 
TYR CB  HB2  sing N N 340 
TYR CB  HB3  sing N N 341 
TYR CG  CD1  doub Y N 342 
TYR CG  CD2  sing Y N 343 
TYR CD1 CE1  sing Y N 344 
TYR CD1 HD1  sing N N 345 
TYR CD2 CE2  doub Y N 346 
TYR CD2 HD2  sing N N 347 
TYR CE1 CZ   doub Y N 348 
TYR CE1 HE1  sing N N 349 
TYR CE2 CZ   sing Y N 350 
TYR CE2 HE2  sing N N 351 
TYR CZ  OH   sing N N 352 
TYR OH  HH   sing N N 353 
TYR OXT HXT  sing N N 354 
VAL N   CA   sing N N 355 
VAL N   H    sing N N 356 
VAL N   H2   sing N N 357 
VAL CA  C    sing N N 358 
VAL CA  CB   sing N N 359 
VAL CA  HA   sing N N 360 
VAL C   O    doub N N 361 
VAL C   OXT  sing N N 362 
VAL CB  CG1  sing N N 363 
VAL CB  CG2  sing N N 364 
VAL CB  HB   sing N N 365 
VAL CG1 HG11 sing N N 366 
VAL CG1 HG12 sing N N 367 
VAL CG1 HG13 sing N N 368 
VAL CG2 HG21 sing N N 369 
VAL CG2 HG22 sing N N 370 
VAL CG2 HG23 sing N N 371 
VAL OXT HXT  sing N N 372 
# 
_pdbx_entity_nonpoly.entity_id   3 
_pdbx_entity_nonpoly.name        water 
_pdbx_entity_nonpoly.comp_id     HOH 
# 
_pdbx_initial_refinement_model.id               1 
_pdbx_initial_refinement_model.entity_id_list   ? 
_pdbx_initial_refinement_model.type             'experimental model' 
_pdbx_initial_refinement_model.source_name      PDB 
_pdbx_initial_refinement_model.accession_code   1KNA 
_pdbx_initial_refinement_model.details          'PDB 1KNA' 
# 
